data_6C2W
#
_entry.id   6C2W
#
_cell.length_a   85.030
_cell.length_b   85.074
_cell.length_c   153.801
_cell.angle_alpha   105.35
_cell.angle_beta   90.00
_cell.angle_gamma   90.05
#
_symmetry.space_group_name_H-M   'P 1'
#
loop_
_entity.id
_entity.type
_entity.pdbx_description
1 polymer Prothrombin
2 branched beta-D-mannopyranose-(1-4)-2-acetamido-2-deoxy-beta-D-glucopyranose
3 non-polymer 'MAGNESIUM ION'
4 non-polymer 2-acetamido-2-deoxy-beta-D-glucopyranose
#
_entity_poly.entity_id   1
_entity_poly.type   'polypeptide(L)'
_entity_poly.pdbx_seq_one_letter_code
;ANTFL(CGU)(CGU)VRKGNL(CGU)R(CGU)CV(CGU)(CGU)TCSY(CGU)(CGU)AF(CGU)AL(CGU)SSTATDVF
WAKYTACETARTPRDKLAACLEGNCAEGLGTNYRGHVNITRSGIECQLWRSRYPHKPEINCTTHPGADLQENFCRNPDSS
TMGPWCYTTDPTVRRQECSIPVCGQDQVTVAMTPRSEGSSVNLSPPLEQCVPDRGQQYQGRLAVTTHGLPCLAWASAQAK
ALSKHQDFNSAVQLVENFCRNPDGDEEGVWCYVAGKPGDFGYCDLNYCEEAVEEETGDGLDEDSDRAIEGRTATSEYQTF
FNPRTFGSGEADCGLRPLFEKKSLEDKTERELLESYIDGRIVEGSDAEIGMSPWQVMLFRKSPQELLCGASLISDRWVLT
AAHCLLYPPWDKNFTENDLLVRIGKHSRTRYERNIEKISMLEKIYIHPRYNWRENLDRDIALMKLKKPVAFSDYIHPVCL
PDRETAASLLQAGYKGRVTGWGNLKETWTCNVGKGQPSVLQVVNLPIVERPVCKDSTRIRITDNMFCAGYKPDEGKRGDA
CEGDSGGPFVMKSPFNNRWYQMGIVSWGEGCDRDGKYGFYTHVFRLKKWIQKVIDQFGEYLE
;
_entity_poly.pdbx_strand_id   A,B
#
# COMPACT_ATOMS: atom_id res chain seq x y z
N ALA A 1 -3.13 -50.98 11.42
CA ALA A 1 -3.31 -52.23 10.63
C ALA A 1 -3.15 -51.96 9.12
N ASN A 2 -1.89 -51.81 8.69
CA ASN A 2 -1.56 -51.44 7.30
C ASN A 2 -0.30 -52.12 6.77
N THR A 3 0.84 -51.94 7.44
CA THR A 3 2.12 -52.60 7.08
C THR A 3 2.35 -53.89 7.89
N PHE A 4 3.51 -54.52 7.69
CA PHE A 4 3.86 -55.77 8.40
C PHE A 4 4.22 -55.51 9.87
N LEU A 5 5.18 -54.61 10.10
CA LEU A 5 5.80 -54.42 11.41
C LEU A 5 4.85 -53.94 12.51
N VAL A 8 1.98 -56.32 14.13
CA VAL A 8 2.46 -57.39 15.02
C VAL A 8 1.95 -57.20 16.45
N ARG A 9 2.03 -55.97 16.96
CA ARG A 9 1.61 -55.64 18.33
C ARG A 9 0.08 -55.67 18.57
N LYS A 10 -0.71 -55.78 17.51
CA LYS A 10 -2.18 -55.93 17.62
C LYS A 10 -2.56 -57.13 18.50
N GLY A 11 -1.93 -58.27 18.25
CA GLY A 11 -2.14 -59.47 19.06
C GLY A 11 -1.71 -59.31 20.51
N ASN A 12 -0.63 -58.55 20.74
CA ASN A 12 -0.09 -58.29 22.07
C ASN A 12 -1.10 -57.50 22.92
N LEU A 13 -1.64 -56.42 22.34
CA LEU A 13 -2.67 -55.57 22.96
C LEU A 13 -3.92 -56.34 23.38
N ARG A 15 -4.52 -59.54 24.09
CA ARG A 15 -4.43 -60.52 25.18
C ARG A 15 -4.49 -59.86 26.56
N CYS A 17 -4.63 -56.46 27.84
CA CYS A 17 -5.53 -55.38 28.27
C CYS A 17 -7.03 -55.70 28.18
N VAL A 18 -7.44 -56.41 27.14
CA VAL A 18 -8.87 -56.60 26.85
C VAL A 18 -9.51 -57.69 27.72
N THR A 21 -6.92 -57.60 32.24
CA THR A 21 -7.04 -56.16 32.54
C THR A 21 -5.64 -55.51 32.46
N CYS A 22 -5.54 -54.18 32.57
CA CYS A 22 -4.24 -53.51 32.59
C CYS A 22 -4.22 -52.11 33.21
N SER A 23 -3.00 -51.62 33.43
CA SER A 23 -2.71 -50.28 33.96
C SER A 23 -1.81 -49.49 32.99
N TYR A 24 -1.47 -48.27 33.41
CA TYR A 24 -0.64 -47.33 32.62
C TYR A 24 0.78 -47.84 32.36
N ALA A 27 0.98 -50.97 30.22
CA ALA A 27 0.76 -50.65 28.81
C ALA A 27 2.04 -50.13 28.15
N PHE A 28 2.73 -49.22 28.83
CA PHE A 28 4.05 -48.75 28.38
C PHE A 28 5.09 -49.82 28.69
N ALA A 30 5.44 -52.94 25.82
CA ALA A 30 5.57 -53.46 24.45
C ALA A 30 4.72 -52.67 23.44
N LEU A 31 4.19 -51.52 23.83
CA LEU A 31 3.32 -50.70 22.99
C LEU A 31 4.17 -49.72 22.19
N SER A 33 4.47 -46.18 22.46
CA SER A 33 3.82 -44.92 22.02
C SER A 33 3.51 -44.00 23.21
N SER A 34 4.22 -42.87 23.25
CA SER A 34 4.11 -41.91 24.36
C SER A 34 2.77 -41.17 24.39
N THR A 35 2.20 -40.94 23.21
CA THR A 35 0.95 -40.21 23.08
C THR A 35 -0.30 -41.11 22.94
N ALA A 36 -0.17 -42.20 22.16
CA ALA A 36 -1.31 -43.08 21.84
C ALA A 36 -1.82 -43.94 23.01
N THR A 37 -1.02 -44.03 24.08
CA THR A 37 -1.49 -44.61 25.35
C THR A 37 -2.71 -43.86 25.90
N ASP A 38 -2.67 -42.53 25.80
CA ASP A 38 -3.71 -41.66 26.36
C ASP A 38 -5.01 -41.69 25.54
N VAL A 39 -4.90 -41.90 24.23
CA VAL A 39 -6.07 -42.04 23.34
C VAL A 39 -6.86 -43.31 23.68
N PHE A 40 -6.14 -44.44 23.83
CA PHE A 40 -6.72 -45.70 24.30
C PHE A 40 -7.38 -45.49 25.67
N TRP A 41 -6.63 -44.88 26.59
CA TRP A 41 -7.09 -44.63 27.97
C TRP A 41 -8.41 -43.85 28.02
N ALA A 42 -8.51 -42.81 27.19
CA ALA A 42 -9.74 -42.03 27.06
C ALA A 42 -10.89 -42.88 26.52
N LYS A 43 -10.59 -43.71 25.53
CA LYS A 43 -11.58 -44.64 24.95
C LYS A 43 -11.91 -45.82 25.87
N TYR A 44 -10.91 -46.29 26.64
CA TYR A 44 -11.09 -47.41 27.57
C TYR A 44 -11.89 -47.00 28.80
N THR A 45 -11.49 -45.89 29.44
CA THR A 45 -12.19 -45.39 30.63
C THR A 45 -13.61 -44.89 30.29
N ALA A 46 -13.81 -44.45 29.05
CA ALA A 46 -15.16 -44.10 28.54
C ALA A 46 -16.13 -45.29 28.58
N CYS A 47 -15.60 -46.50 28.34
CA CYS A 47 -16.37 -47.73 28.56
C CYS A 47 -16.51 -47.99 30.07
N GLU A 48 -17.50 -47.33 30.68
CA GLU A 48 -17.67 -47.31 32.14
C GLU A 48 -18.30 -48.61 32.65
N THR A 49 -19.49 -48.93 32.15
CA THR A 49 -20.15 -50.21 32.43
C THR A 49 -19.92 -51.12 31.22
N ALA A 50 -18.64 -51.36 30.95
CA ALA A 50 -18.22 -52.15 29.80
C ALA A 50 -16.75 -52.54 29.96
N ARG A 51 -16.49 -53.32 31.02
CA ARG A 51 -15.17 -53.90 31.28
C ARG A 51 -14.98 -55.17 30.45
N THR A 52 -15.95 -56.08 30.57
CA THR A 52 -15.96 -57.36 29.83
C THR A 52 -17.42 -57.75 29.49
N PRO A 53 -17.66 -58.69 28.56
CA PRO A 53 -16.65 -59.42 27.75
C PRO A 53 -16.52 -58.85 26.32
N ARG A 54 -15.88 -59.58 25.41
CA ARG A 54 -15.61 -59.09 24.05
C ARG A 54 -16.83 -59.04 23.13
N ASP A 55 -17.70 -60.05 23.19
CA ASP A 55 -18.94 -60.05 22.38
C ASP A 55 -19.86 -58.89 22.76
N LYS A 56 -20.03 -58.66 24.07
CA LYS A 56 -20.87 -57.57 24.59
C LYS A 56 -20.19 -56.19 24.47
N LEU A 57 -18.86 -56.14 24.59
CA LEU A 57 -18.09 -54.92 24.32
C LEU A 57 -18.04 -54.69 22.82
N ALA A 58 -17.29 -55.54 22.11
CA ALA A 58 -17.16 -55.51 20.64
C ALA A 58 -16.71 -54.15 20.05
N ALA A 59 -17.64 -53.20 19.97
CA ALA A 59 -17.43 -51.90 19.31
C ALA A 59 -17.41 -50.69 20.26
N CYS A 60 -16.98 -50.90 21.50
CA CYS A 60 -16.78 -49.80 22.47
C CYS A 60 -15.47 -49.07 22.16
N LEU A 61 -14.43 -49.85 21.81
CA LEU A 61 -13.17 -49.31 21.30
C LEU A 61 -13.26 -48.94 19.81
N GLU A 62 -14.13 -49.64 19.08
CA GLU A 62 -14.37 -49.37 17.66
C GLU A 62 -15.20 -48.07 17.45
N GLY A 63 -15.96 -47.68 18.48
CA GLY A 63 -16.60 -46.36 18.52
C GLY A 63 -17.82 -46.21 17.64
N ASN A 64 -18.79 -47.10 17.81
CA ASN A 64 -20.04 -47.11 17.03
C ASN A 64 -21.24 -47.60 17.84
N CYS A 65 -21.29 -47.23 19.13
CA CYS A 65 -22.43 -47.54 20.00
C CYS A 65 -22.39 -46.66 21.25
N ALA A 66 -23.45 -46.72 22.07
CA ALA A 66 -23.58 -45.88 23.27
C ALA A 66 -23.91 -46.67 24.54
N GLU A 67 -22.96 -46.74 25.47
CA GLU A 67 -23.12 -47.51 26.72
C GLU A 67 -23.22 -46.58 27.94
N GLY A 68 -24.14 -46.91 28.85
CA GLY A 68 -24.38 -46.11 30.07
C GLY A 68 -25.04 -44.78 29.76
N LEU A 69 -24.22 -43.85 29.29
CA LEU A 69 -24.68 -42.58 28.72
C LEU A 69 -24.08 -42.42 27.31
N GLY A 70 -22.76 -42.56 27.21
CA GLY A 70 -22.09 -42.79 25.93
C GLY A 70 -21.05 -41.76 25.57
N THR A 71 -19.90 -41.82 26.26
CA THR A 71 -18.73 -41.00 25.91
C THR A 71 -17.75 -41.73 24.95
N ASN A 72 -18.10 -42.93 24.52
CA ASN A 72 -17.29 -43.69 23.55
C ASN A 72 -17.51 -43.29 22.08
N TYR A 73 -18.62 -42.62 21.79
CA TYR A 73 -19.09 -42.48 20.40
C TYR A 73 -18.18 -41.62 19.53
N ARG A 74 -17.72 -42.19 18.41
CA ARG A 74 -16.99 -41.47 17.37
C ARG A 74 -17.61 -41.67 15.97
N GLY A 75 -18.81 -42.26 15.92
CA GLY A 75 -19.43 -42.74 14.67
C GLY A 75 -19.91 -41.68 13.71
N HIS A 76 -20.59 -42.10 12.65
CA HIS A 76 -20.79 -41.28 11.45
C HIS A 76 -22.26 -41.16 11.02
N VAL A 77 -22.94 -40.13 11.55
CA VAL A 77 -24.31 -39.79 11.12
C VAL A 77 -24.45 -38.27 11.03
N ASN A 78 -25.03 -37.78 9.93
CA ASN A 78 -25.24 -36.34 9.70
C ASN A 78 -26.27 -35.72 10.67
N ILE A 79 -27.29 -36.50 11.03
CA ILE A 79 -28.47 -36.00 11.77
C ILE A 79 -28.55 -36.48 13.23
N THR A 80 -29.44 -35.82 13.99
CA THR A 80 -29.72 -36.14 15.40
C THR A 80 -31.07 -36.89 15.51
N ARG A 81 -31.74 -36.82 16.67
CA ARG A 81 -33.00 -37.57 16.91
C ARG A 81 -34.21 -37.16 16.06
N SER A 82 -34.42 -35.86 15.84
CA SER A 82 -35.58 -35.36 15.12
C SER A 82 -35.34 -35.42 13.62
N GLY A 83 -34.48 -34.51 13.13
CA GLY A 83 -34.12 -34.43 11.72
C GLY A 83 -33.52 -33.09 11.36
N ILE A 84 -32.47 -32.70 12.10
CA ILE A 84 -31.83 -31.39 11.97
C ILE A 84 -30.32 -31.58 11.81
N GLU A 85 -29.71 -30.79 10.93
CA GLU A 85 -28.29 -30.95 10.59
C GLU A 85 -27.36 -30.66 11.77
N CYS A 86 -26.49 -31.63 12.09
CA CYS A 86 -25.44 -31.41 13.08
C CYS A 86 -24.41 -30.46 12.48
N GLN A 87 -24.12 -29.39 13.22
CA GLN A 87 -23.11 -28.40 12.83
C GLN A 87 -21.69 -28.98 12.99
N LEU A 88 -20.77 -28.48 12.16
CA LEU A 88 -19.36 -28.86 12.23
C LEU A 88 -18.75 -28.28 13.51
N TRP A 89 -17.91 -29.06 14.20
CA TRP A 89 -17.42 -28.70 15.56
C TRP A 89 -16.66 -27.38 15.63
N ARG A 90 -15.64 -27.25 14.79
CA ARG A 90 -14.82 -26.03 14.72
C ARG A 90 -15.46 -24.87 13.91
N SER A 91 -16.65 -25.09 13.34
CA SER A 91 -17.49 -23.99 12.84
C SER A 91 -18.35 -23.44 13.99
N ARG A 92 -18.78 -22.18 13.85
CA ARG A 92 -19.54 -21.48 14.90
C ARG A 92 -20.73 -20.71 14.29
N TYR A 93 -21.63 -21.43 13.63
CA TYR A 93 -22.92 -20.90 13.16
C TYR A 93 -24.01 -21.99 13.28
N PRO A 94 -25.13 -21.74 13.96
CA PRO A 94 -25.53 -20.43 14.50
C PRO A 94 -24.89 -20.07 15.84
N HIS A 95 -25.07 -20.92 16.85
CA HIS A 95 -24.71 -20.59 18.23
C HIS A 95 -23.28 -21.00 18.54
N LYS A 96 -22.55 -20.10 19.22
CA LYS A 96 -21.12 -20.29 19.47
C LYS A 96 -20.94 -21.20 20.69
N PRO A 97 -20.08 -22.25 20.58
CA PRO A 97 -19.99 -23.26 21.64
C PRO A 97 -19.25 -22.76 22.90
N GLU A 98 -19.63 -23.32 24.05
CA GLU A 98 -19.05 -22.96 25.35
C GLU A 98 -17.62 -23.52 25.50
N ILE A 99 -17.38 -24.68 24.92
CA ILE A 99 -16.04 -25.26 24.77
C ILE A 99 -15.51 -24.85 23.40
N ASN A 100 -14.31 -24.27 23.35
CA ASN A 100 -13.78 -23.65 22.13
C ASN A 100 -13.27 -24.69 21.09
N CYS A 101 -12.57 -24.20 20.06
CA CYS A 101 -12.07 -25.01 18.95
C CYS A 101 -10.53 -25.24 19.01
N THR A 102 -10.02 -25.49 20.22
CA THR A 102 -8.56 -25.67 20.43
C THR A 102 -8.20 -26.50 21.68
N THR A 103 -8.81 -26.17 22.82
CA THR A 103 -8.48 -26.80 24.12
C THR A 103 -8.53 -28.34 24.11
N HIS A 104 -9.69 -28.90 23.76
CA HIS A 104 -9.94 -30.34 23.91
C HIS A 104 -10.03 -31.09 22.56
N PRO A 105 -8.94 -31.80 22.18
CA PRO A 105 -9.01 -32.84 21.12
C PRO A 105 -9.36 -34.27 21.58
N GLY A 106 -9.57 -34.49 22.88
CA GLY A 106 -9.80 -35.84 23.44
C GLY A 106 -10.95 -36.62 22.82
N ALA A 107 -12.12 -35.97 22.74
CA ALA A 107 -13.32 -36.53 22.08
C ALA A 107 -13.32 -36.33 20.56
N ASP A 108 -12.32 -35.59 20.04
CA ASP A 108 -12.09 -35.41 18.59
C ASP A 108 -13.18 -34.51 17.99
N LEU A 109 -13.11 -33.23 18.38
CA LEU A 109 -14.12 -32.24 18.03
C LEU A 109 -13.88 -31.69 16.61
N GLN A 110 -14.19 -32.51 15.61
CA GLN A 110 -14.12 -32.11 14.21
C GLN A 110 -15.06 -32.94 13.33
N GLU A 111 -15.58 -32.30 12.27
CA GLU A 111 -16.54 -32.90 11.33
C GLU A 111 -17.96 -33.08 11.91
N ASN A 112 -18.92 -33.39 11.03
CA ASN A 112 -20.36 -33.28 11.33
C ASN A 112 -21.00 -34.50 12.01
N PHE A 113 -20.42 -34.92 13.14
CA PHE A 113 -20.86 -36.11 13.86
C PHE A 113 -21.07 -35.80 15.34
N CYS A 114 -21.87 -36.65 16.00
CA CYS A 114 -22.22 -36.48 17.41
C CYS A 114 -21.07 -36.90 18.35
N ARG A 115 -21.12 -36.42 19.60
CA ARG A 115 -20.11 -36.74 20.63
C ARG A 115 -20.73 -36.72 22.04
N ASN A 116 -19.89 -36.87 23.07
CA ASN A 116 -20.23 -36.47 24.46
C ASN A 116 -18.93 -36.05 25.17
N PRO A 117 -18.43 -34.83 24.87
CA PRO A 117 -17.06 -34.40 25.18
C PRO A 117 -16.82 -33.74 26.56
N ASP A 118 -17.73 -33.93 27.52
CA ASP A 118 -17.59 -33.35 28.87
C ASP A 118 -18.21 -34.21 29.98
N SER A 119 -19.50 -34.51 29.85
CA SER A 119 -20.33 -35.15 30.89
C SER A 119 -21.76 -35.18 30.35
N SER A 120 -22.42 -36.33 30.48
CA SER A 120 -23.75 -36.52 29.90
C SER A 120 -24.85 -36.04 30.86
N THR A 121 -25.26 -34.79 30.67
CA THR A 121 -26.40 -34.21 31.40
C THR A 121 -27.75 -34.71 30.86
N MET A 122 -27.78 -35.17 29.61
CA MET A 122 -28.95 -35.82 28.99
C MET A 122 -28.53 -37.06 28.17
N GLY A 123 -27.74 -36.82 27.13
CA GLY A 123 -27.20 -37.90 26.28
C GLY A 123 -25.95 -37.43 25.51
N PRO A 124 -25.60 -38.14 24.42
CA PRO A 124 -24.57 -37.67 23.48
C PRO A 124 -25.19 -36.80 22.38
N TRP A 125 -24.51 -35.71 22.01
CA TRP A 125 -25.17 -34.60 21.29
C TRP A 125 -24.36 -33.93 20.18
N CYS A 126 -25.09 -33.19 19.33
CA CYS A 126 -24.52 -32.25 18.37
C CYS A 126 -25.31 -30.92 18.39
N TYR A 127 -24.67 -29.85 17.94
CA TYR A 127 -25.30 -28.52 17.86
C TYR A 127 -26.22 -28.44 16.64
N THR A 128 -27.37 -27.79 16.80
CA THR A 128 -28.36 -27.67 15.72
C THR A 128 -27.99 -26.59 14.70
N THR A 129 -28.53 -26.75 13.49
CA THR A 129 -28.54 -25.69 12.47
C THR A 129 -29.73 -24.75 12.68
N ASP A 130 -30.85 -25.30 13.17
CA ASP A 130 -32.05 -24.51 13.50
C ASP A 130 -31.72 -23.48 14.60
N PRO A 131 -31.71 -22.17 14.26
CA PRO A 131 -31.30 -21.17 15.27
C PRO A 131 -32.28 -20.89 16.42
N THR A 132 -33.48 -21.47 16.42
CA THR A 132 -34.38 -21.39 17.57
C THR A 132 -33.82 -22.21 18.73
N VAL A 133 -33.73 -23.53 18.52
CA VAL A 133 -33.31 -24.48 19.56
C VAL A 133 -31.78 -24.58 19.65
N ARG A 134 -31.28 -24.85 20.86
CA ARG A 134 -29.83 -24.88 21.14
C ARG A 134 -29.17 -26.25 20.84
N ARG A 135 -29.53 -27.27 21.62
CA ARG A 135 -28.93 -28.62 21.54
C ARG A 135 -29.98 -29.72 21.42
N GLN A 136 -29.51 -30.91 21.04
CA GLN A 136 -30.37 -32.09 20.87
C GLN A 136 -29.52 -33.36 20.86
N GLU A 137 -30.05 -34.43 21.48
CA GLU A 137 -29.31 -35.69 21.68
C GLU A 137 -29.47 -36.65 20.48
N CYS A 138 -28.37 -37.33 20.13
CA CYS A 138 -28.36 -38.26 18.99
C CYS A 138 -28.65 -39.69 19.45
N SER A 139 -29.62 -40.34 18.81
CA SER A 139 -30.07 -41.69 19.19
C SER A 139 -29.26 -42.80 18.53
N ILE A 140 -28.12 -43.12 19.15
CA ILE A 140 -27.26 -44.22 18.70
C ILE A 140 -27.71 -45.47 19.47
N PRO A 141 -27.61 -46.67 18.84
CA PRO A 141 -27.85 -47.91 19.59
C PRO A 141 -26.80 -48.24 20.67
N VAL A 142 -27.11 -49.25 21.49
CA VAL A 142 -26.26 -49.67 22.62
C VAL A 142 -25.32 -50.82 22.20
N CYS A 143 -24.12 -50.86 22.79
CA CYS A 143 -23.12 -51.88 22.45
C CYS A 143 -23.60 -53.27 22.88
N GLY A 144 -23.76 -54.16 21.91
CA GLY A 144 -24.29 -55.50 22.16
C GLY A 144 -25.76 -55.50 22.56
N GLN A 145 -26.56 -54.65 21.90
CA GLN A 145 -27.98 -54.51 22.19
C GLN A 145 -28.72 -53.80 21.05
N ASP A 146 -30.02 -54.11 20.93
CA ASP A 146 -30.94 -53.37 20.05
C ASP A 146 -31.90 -52.59 20.95
N GLN A 147 -31.51 -51.34 21.25
CA GLN A 147 -32.33 -50.45 22.07
C GLN A 147 -31.93 -48.99 21.79
N VAL A 148 -32.94 -48.11 21.77
CA VAL A 148 -32.75 -46.69 21.42
C VAL A 148 -32.95 -45.77 22.63
N THR A 149 -32.23 -44.65 22.65
CA THR A 149 -32.23 -43.72 23.80
C THR A 149 -33.44 -42.78 23.81
N VAL A 150 -33.75 -42.19 22.66
CA VAL A 150 -34.84 -41.21 22.53
C VAL A 150 -35.65 -41.45 21.24
N ALA A 151 -36.94 -41.12 21.28
CA ALA A 151 -37.85 -41.33 20.15
C ALA A 151 -37.58 -40.37 18.98
N MET A 152 -38.03 -40.78 17.79
CA MET A 152 -37.78 -40.04 16.55
C MET A 152 -39.03 -39.27 16.12
N THR A 153 -38.82 -38.07 15.57
CA THR A 153 -39.91 -37.20 15.10
C THR A 153 -39.49 -36.51 13.77
N PRO A 154 -40.13 -36.90 12.64
CA PRO A 154 -39.66 -36.42 11.32
C PRO A 154 -39.97 -34.96 10.95
N ARG A 155 -41.05 -34.40 11.51
CA ARG A 155 -41.55 -33.05 11.19
C ARG A 155 -42.04 -32.98 9.73
N SER A 156 -43.36 -33.06 9.56
CA SER A 156 -43.98 -33.12 8.22
C SER A 156 -44.09 -31.75 7.54
N GLU A 157 -44.44 -31.78 6.26
CA GLU A 157 -44.67 -30.59 5.44
C GLU A 157 -46.00 -30.74 4.70
N GLY A 158 -46.86 -29.72 4.81
CA GLY A 158 -48.24 -29.81 4.35
C GLY A 158 -48.81 -28.54 3.77
N SER A 159 -49.98 -28.69 3.14
CA SER A 159 -50.62 -27.60 2.40
C SER A 159 -52.06 -27.92 1.99
N SER A 160 -52.25 -29.08 1.33
CA SER A 160 -53.55 -29.46 0.76
C SER A 160 -54.67 -29.66 1.79
N VAL A 161 -54.44 -30.53 2.77
CA VAL A 161 -55.43 -30.81 3.83
C VAL A 161 -54.80 -30.93 5.22
N ASN A 162 -53.63 -30.30 5.40
CA ASN A 162 -52.82 -30.42 6.64
C ASN A 162 -52.95 -29.21 7.57
N LEU A 163 -52.86 -28.01 7.01
CA LEU A 163 -52.74 -26.77 7.79
C LEU A 163 -54.06 -26.29 8.41
N SER A 164 -55.13 -26.25 7.61
CA SER A 164 -56.40 -25.60 8.02
C SER A 164 -57.62 -25.87 7.09
N PRO A 165 -57.56 -25.56 5.78
CA PRO A 165 -56.42 -24.92 5.07
C PRO A 165 -56.69 -23.49 4.54
N PRO A 166 -55.65 -22.64 4.46
CA PRO A 166 -55.72 -21.36 3.75
C PRO A 166 -55.13 -21.43 2.33
N LEU A 167 -55.70 -20.65 1.41
CA LEU A 167 -55.23 -20.55 0.03
C LEU A 167 -55.65 -19.15 -0.49
N GLU A 168 -54.94 -18.15 0.03
CA GLU A 168 -55.40 -16.75 -0.04
C GLU A 168 -55.15 -16.04 -1.39
N GLN A 169 -54.12 -16.47 -2.12
CA GLN A 169 -53.72 -15.92 -3.42
C GLN A 169 -53.14 -14.49 -3.37
N CYS A 170 -52.40 -14.14 -4.42
CA CYS A 170 -51.32 -13.13 -4.37
C CYS A 170 -51.75 -11.67 -4.16
N VAL A 171 -50.75 -10.83 -3.92
CA VAL A 171 -50.89 -9.38 -3.77
C VAL A 171 -49.98 -8.71 -4.80
N PRO A 172 -50.58 -7.97 -5.77
CA PRO A 172 -49.79 -7.17 -6.72
C PRO A 172 -49.62 -5.71 -6.26
N ASP A 173 -48.66 -5.02 -6.88
CA ASP A 173 -48.43 -3.57 -6.66
C ASP A 173 -47.98 -3.26 -5.22
N ARG A 174 -47.08 -4.10 -4.70
CA ARG A 174 -46.58 -4.07 -3.30
C ARG A 174 -47.52 -3.49 -2.23
N GLY A 175 -48.72 -4.06 -2.15
CA GLY A 175 -49.68 -3.70 -1.12
C GLY A 175 -50.43 -2.39 -1.27
N GLN A 176 -50.23 -1.68 -2.38
CA GLN A 176 -51.07 -0.51 -2.70
C GLN A 176 -52.46 -1.02 -3.07
N GLN A 177 -52.49 -1.92 -4.05
CA GLN A 177 -53.74 -2.54 -4.49
C GLN A 177 -54.05 -3.78 -3.64
N TYR A 178 -54.55 -3.52 -2.43
CA TYR A 178 -55.10 -4.56 -1.55
C TYR A 178 -55.99 -3.95 -0.45
N GLN A 179 -57.09 -4.63 -0.14
CA GLN A 179 -57.99 -4.28 0.97
C GLN A 179 -58.28 -5.53 1.82
N GLY A 180 -58.52 -5.33 3.11
CA GLY A 180 -58.72 -6.45 4.05
C GLY A 180 -59.28 -6.05 5.40
N ARG A 181 -58.74 -6.64 6.47
CA ARG A 181 -59.25 -6.46 7.84
C ARG A 181 -58.28 -6.97 8.94
N LEU A 182 -56.97 -6.81 8.72
CA LEU A 182 -55.94 -7.44 9.56
C LEU A 182 -55.78 -6.79 10.94
N ALA A 183 -55.14 -7.51 11.86
CA ALA A 183 -54.82 -6.98 13.20
C ALA A 183 -53.70 -7.79 13.90
N VAL A 184 -52.58 -7.97 13.18
CA VAL A 184 -51.40 -8.68 13.71
C VAL A 184 -50.08 -8.11 13.15
N THR A 185 -48.98 -8.44 13.81
CA THR A 185 -47.63 -8.03 13.40
C THR A 185 -46.67 -9.22 13.57
N THR A 186 -45.36 -8.99 13.49
CA THR A 186 -44.35 -10.05 13.64
C THR A 186 -44.28 -10.60 15.07
N HIS A 187 -43.95 -9.73 16.03
CA HIS A 187 -43.92 -10.11 17.46
C HIS A 187 -45.33 -10.17 18.06
N GLY A 188 -46.19 -9.23 17.68
CA GLY A 188 -47.60 -9.22 18.08
C GLY A 188 -47.99 -8.00 18.91
N LEU A 189 -48.40 -6.93 18.22
CA LEU A 189 -48.88 -5.69 18.85
C LEU A 189 -50.18 -5.23 18.17
N PRO A 190 -51.17 -4.74 18.95
CA PRO A 190 -52.45 -4.31 18.35
C PRO A 190 -52.32 -2.97 17.63
N CYS A 191 -52.78 -2.91 16.38
CA CYS A 191 -52.63 -1.72 15.55
C CYS A 191 -53.55 -0.58 16.02
N LEU A 192 -53.01 0.64 16.03
CA LEU A 192 -53.75 1.82 16.46
C LEU A 192 -54.63 2.38 15.34
N ALA A 193 -55.67 3.12 15.72
CA ALA A 193 -56.58 3.77 14.77
C ALA A 193 -55.93 4.99 14.12
N TRP A 194 -56.26 5.21 12.85
CA TRP A 194 -55.77 6.38 12.11
C TRP A 194 -56.48 7.65 12.59
N ALA A 195 -57.80 7.65 12.50
CA ALA A 195 -58.64 8.76 12.95
C ALA A 195 -59.07 8.57 14.41
N SER A 196 -58.24 9.07 15.33
CA SER A 196 -58.54 9.03 16.76
C SER A 196 -57.75 10.12 17.54
N ALA A 197 -56.53 9.82 17.98
CA ALA A 197 -55.71 10.78 18.73
C ALA A 197 -54.18 10.51 18.75
N GLN A 198 -53.65 9.76 17.77
CA GLN A 198 -52.22 9.41 17.74
C GLN A 198 -51.80 8.85 16.38
N ALA A 199 -51.79 9.72 15.36
CA ALA A 199 -51.46 9.37 13.97
C ALA A 199 -51.66 10.57 13.04
N LYS A 200 -52.84 11.17 13.13
CA LYS A 200 -53.22 12.34 12.32
C LYS A 200 -52.31 13.56 12.53
N ALA A 201 -51.76 13.70 13.73
CA ALA A 201 -50.87 14.83 14.08
C ALA A 201 -49.61 14.90 13.20
N LEU A 202 -48.92 13.78 13.05
CA LEU A 202 -47.65 13.72 12.30
C LEU A 202 -47.90 13.51 10.80
N SER A 203 -48.39 14.57 10.14
CA SER A 203 -48.66 14.56 8.70
C SER A 203 -48.85 16.00 8.20
N LYS A 204 -47.73 16.68 7.92
CA LYS A 204 -47.76 18.10 7.49
C LYS A 204 -46.78 18.55 6.37
N HIS A 205 -46.00 17.63 5.78
CA HIS A 205 -45.23 17.92 4.56
C HIS A 205 -44.61 16.64 3.94
N GLN A 206 -45.40 15.91 3.14
CA GLN A 206 -44.92 14.67 2.46
C GLN A 206 -45.80 14.18 1.28
N ASP A 207 -45.23 13.25 0.50
CA ASP A 207 -45.82 12.75 -0.77
C ASP A 207 -47.05 11.85 -0.58
N PHE A 208 -48.07 12.05 -1.42
CA PHE A 208 -49.32 11.24 -1.41
C PHE A 208 -49.90 11.01 -2.80
N ASN A 209 -50.67 9.93 -2.96
CA ASN A 209 -51.58 9.71 -4.10
C ASN A 209 -52.84 8.98 -3.61
N SER A 210 -53.77 9.74 -3.06
CA SER A 210 -54.94 9.16 -2.39
C SER A 210 -55.96 8.56 -3.35
N ALA A 211 -55.63 7.36 -3.84
CA ALA A 211 -56.55 6.56 -4.66
C ALA A 211 -57.63 5.85 -3.82
N VAL A 212 -57.30 5.56 -2.56
CA VAL A 212 -58.14 4.78 -1.63
C VAL A 212 -58.61 5.67 -0.47
N GLN A 213 -59.59 5.21 0.30
CA GLN A 213 -59.98 5.86 1.56
C GLN A 213 -59.01 5.54 2.71
N LEU A 214 -59.21 6.24 3.84
CA LEU A 214 -58.55 5.90 5.11
C LEU A 214 -59.44 4.92 5.88
N VAL A 215 -59.00 3.66 5.97
CA VAL A 215 -59.85 2.55 6.46
C VAL A 215 -59.53 2.15 7.92
N GLU A 216 -60.12 2.89 8.86
CA GLU A 216 -60.17 2.52 10.28
C GLU A 216 -58.80 2.44 10.99
N ASN A 217 -58.18 1.26 11.03
CA ASN A 217 -56.91 1.04 11.77
C ASN A 217 -55.93 0.04 11.13
N PHE A 218 -56.19 -0.36 9.88
CA PHE A 218 -55.55 -1.53 9.30
C PHE A 218 -54.17 -1.19 8.71
N CYS A 219 -53.37 -2.21 8.43
CA CYS A 219 -52.03 -2.04 7.86
C CYS A 219 -52.15 -1.63 6.37
N ARG A 220 -51.72 -0.41 6.06
CA ARG A 220 -51.94 0.21 4.72
C ARG A 220 -50.63 0.69 4.07
N ASN A 221 -50.72 1.12 2.81
CA ASN A 221 -49.57 1.63 2.04
C ASN A 221 -49.96 2.78 1.09
N PRO A 222 -50.35 3.95 1.65
CA PRO A 222 -50.72 5.11 0.82
C PRO A 222 -49.52 5.78 0.13
N ASP A 223 -48.47 6.08 0.90
CA ASP A 223 -47.26 6.76 0.36
C ASP A 223 -46.50 5.96 -0.72
N GLY A 224 -46.81 4.67 -0.86
CA GLY A 224 -46.42 3.90 -2.04
C GLY A 224 -45.02 3.31 -1.96
N ASP A 225 -44.72 2.64 -0.85
CA ASP A 225 -43.44 1.95 -0.67
C ASP A 225 -43.49 0.56 -1.28
N GLU A 226 -42.35 0.14 -1.84
CA GLU A 226 -42.21 -1.16 -2.48
C GLU A 226 -41.75 -2.22 -1.45
N GLU A 227 -42.68 -2.66 -0.61
CA GLU A 227 -42.39 -3.69 0.40
C GLU A 227 -43.66 -4.37 0.94
N GLY A 228 -44.40 -3.66 1.78
CA GLY A 228 -45.53 -4.24 2.50
C GLY A 228 -46.40 -3.20 3.18
N VAL A 229 -46.84 -3.52 4.41
CA VAL A 229 -47.82 -2.68 5.14
C VAL A 229 -47.48 -2.60 6.64
N TRP A 230 -47.76 -1.44 7.24
CA TRP A 230 -47.48 -1.17 8.67
C TRP A 230 -48.59 -0.35 9.34
N CYS A 231 -48.58 -0.37 10.67
CA CYS A 231 -49.51 0.42 11.50
C CYS A 231 -48.77 1.05 12.69
N TYR A 232 -49.36 2.11 13.25
CA TYR A 232 -48.79 2.75 14.45
C TYR A 232 -49.08 1.92 15.70
N VAL A 233 -48.16 1.96 16.66
CA VAL A 233 -48.24 1.18 17.91
C VAL A 233 -47.73 2.00 19.11
N ALA A 234 -48.05 1.55 20.32
CA ALA A 234 -47.81 2.31 21.56
C ALA A 234 -46.54 1.90 22.33
N GLY A 235 -46.16 2.76 23.29
CA GLY A 235 -44.97 2.57 24.12
C GLY A 235 -44.26 3.89 24.38
N LYS A 236 -43.02 3.79 24.89
CA LYS A 236 -42.14 4.96 25.04
C LYS A 236 -41.76 5.45 23.63
N PRO A 237 -42.27 6.63 23.23
CA PRO A 237 -42.46 7.04 21.83
C PRO A 237 -42.24 5.95 20.77
N GLY A 238 -43.30 5.17 20.55
CA GLY A 238 -43.25 3.94 19.77
C GLY A 238 -42.90 4.08 18.29
N ASP A 239 -42.37 3.00 17.73
CA ASP A 239 -41.89 2.98 16.34
C ASP A 239 -43.01 2.40 15.46
N PHE A 240 -42.72 2.14 14.17
CA PHE A 240 -43.65 1.45 13.27
C PHE A 240 -43.03 0.17 12.70
N GLY A 241 -43.76 -0.94 12.83
CA GLY A 241 -43.31 -2.26 12.37
C GLY A 241 -44.25 -2.86 11.34
N TYR A 242 -43.68 -3.55 10.35
CA TYR A 242 -44.46 -4.04 9.20
C TYR A 242 -45.24 -5.32 9.52
N CYS A 243 -46.53 -5.31 9.18
CA CYS A 243 -47.41 -6.48 9.32
C CYS A 243 -47.06 -7.47 8.20
N ASP A 244 -46.75 -8.72 8.57
CA ASP A 244 -46.17 -9.71 7.64
C ASP A 244 -47.23 -10.50 6.85
N LEU A 245 -46.97 -10.66 5.54
CA LEU A 245 -47.86 -11.41 4.63
C LEU A 245 -47.06 -12.14 3.53
N ASN A 246 -47.75 -13.00 2.77
CA ASN A 246 -47.16 -13.80 1.69
C ASN A 246 -47.14 -13.01 0.37
N TYR A 247 -46.06 -13.18 -0.40
CA TYR A 247 -45.81 -12.42 -1.63
C TYR A 247 -45.23 -13.30 -2.75
N CYS A 248 -45.42 -12.85 -3.98
CA CYS A 248 -44.97 -13.57 -5.18
C CYS A 248 -43.63 -13.07 -5.69
N GLU A 249 -42.97 -13.93 -6.48
CA GLU A 249 -41.65 -13.63 -7.03
C GLU A 249 -41.75 -12.62 -8.17
N GLU A 250 -41.36 -11.38 -7.87
CA GLU A 250 -41.31 -10.30 -8.85
C GLU A 250 -39.91 -10.27 -9.45
N ALA A 251 -39.81 -10.68 -10.71
CA ALA A 251 -38.50 -10.88 -11.38
C ALA A 251 -37.72 -9.56 -11.48
N VAL A 252 -37.06 -9.22 -10.37
CA VAL A 252 -36.23 -8.02 -10.26
C VAL A 252 -34.98 -8.12 -11.14
N GLU A 253 -34.50 -9.35 -11.36
CA GLU A 253 -33.34 -9.62 -12.21
C GLU A 253 -33.73 -9.73 -13.70
N GLU A 254 -34.89 -10.33 -14.01
CA GLU A 254 -35.47 -10.32 -15.37
C GLU A 254 -36.89 -9.71 -15.41
N GLU A 255 -36.92 -8.37 -15.43
CA GLU A 255 -38.15 -7.58 -15.42
C GLU A 255 -38.81 -7.58 -16.82
N THR A 256 -40.07 -8.03 -16.87
CA THR A 256 -40.83 -8.16 -18.14
C THR A 256 -41.75 -6.95 -18.39
N GLY A 257 -41.82 -6.53 -19.65
CA GLY A 257 -42.60 -5.33 -20.02
C GLY A 257 -42.42 -4.92 -21.48
N ASP A 258 -43.39 -5.28 -22.31
CA ASP A 258 -43.41 -5.02 -23.77
C ASP A 258 -42.20 -5.61 -24.49
N ARG A 266 -22.80 -6.13 -26.77
CA ARG A 266 -21.69 -5.27 -26.35
C ARG A 266 -22.16 -3.94 -25.72
N ALA A 267 -23.18 -3.32 -26.34
CA ALA A 267 -23.80 -2.07 -25.87
C ALA A 267 -22.92 -0.81 -26.02
N ILE A 268 -23.51 0.35 -25.72
CA ILE A 268 -22.85 1.67 -25.86
C ILE A 268 -22.75 2.40 -24.53
N GLU A 269 -21.61 3.09 -24.34
CA GLU A 269 -21.22 3.70 -23.07
C GLU A 269 -21.70 5.15 -23.00
N GLY A 270 -22.05 5.59 -21.79
CA GLY A 270 -22.28 7.01 -21.49
C GLY A 270 -21.04 7.62 -20.86
N ARG A 271 -20.96 8.96 -20.88
CA ARG A 271 -19.81 9.66 -20.29
C ARG A 271 -20.14 11.11 -19.90
N THR A 272 -20.56 11.91 -20.87
CA THR A 272 -20.80 13.35 -20.67
C THR A 272 -22.05 13.61 -19.79
N ALA A 273 -21.84 13.53 -18.47
CA ALA A 273 -22.86 13.83 -17.45
C ALA A 273 -22.25 13.72 -16.05
N THR A 274 -22.43 14.76 -15.23
CA THR A 274 -21.90 14.77 -13.86
C THR A 274 -22.81 13.99 -12.89
N SER A 275 -24.11 14.27 -12.93
CA SER A 275 -25.08 13.64 -12.03
C SER A 275 -26.53 13.82 -12.49
N GLU A 276 -27.20 12.71 -12.82
CA GLU A 276 -28.62 12.71 -13.22
C GLU A 276 -29.48 12.18 -12.05
N TYR A 277 -29.26 12.74 -10.86
CA TYR A 277 -29.74 12.17 -9.60
C TYR A 277 -31.09 12.72 -9.14
N GLN A 278 -31.74 11.97 -8.26
CA GLN A 278 -33.05 12.31 -7.70
C GLN A 278 -32.85 12.96 -6.33
N THR A 279 -33.50 14.11 -6.10
CA THR A 279 -33.45 14.83 -4.82
C THR A 279 -34.69 14.46 -3.97
N PHE A 280 -34.88 13.17 -3.72
CA PHE A 280 -36.13 12.66 -3.13
C PHE A 280 -36.30 12.95 -1.63
N PHE A 281 -35.22 13.37 -0.97
CA PHE A 281 -35.23 13.71 0.46
C PHE A 281 -34.99 15.21 0.66
N ASN A 282 -35.09 15.67 1.91
CA ASN A 282 -34.93 17.09 2.28
C ASN A 282 -33.77 17.28 3.30
N PRO A 283 -32.52 17.47 2.79
CA PRO A 283 -31.31 17.66 3.63
C PRO A 283 -31.42 18.68 4.78
N ARG A 284 -31.88 18.19 5.93
CA ARG A 284 -31.84 18.93 7.21
C ARG A 284 -31.90 17.94 8.37
N THR A 285 -32.99 17.18 8.43
CA THR A 285 -33.15 16.06 9.38
C THR A 285 -32.43 14.82 8.85
N PHE A 286 -32.68 14.52 7.56
CA PHE A 286 -32.02 13.41 6.86
C PHE A 286 -30.50 13.61 6.69
N GLY A 287 -30.05 14.85 6.60
CA GLY A 287 -28.63 15.15 6.42
C GLY A 287 -28.21 15.01 4.97
N SER A 288 -27.04 15.57 4.66
CA SER A 288 -26.54 15.68 3.29
C SER A 288 -26.13 14.31 2.71
N GLY A 289 -25.37 14.32 1.60
CA GLY A 289 -24.83 13.09 1.02
C GLY A 289 -25.76 12.38 0.04
N GLU A 290 -26.74 13.12 -0.48
CA GLU A 290 -27.62 12.64 -1.54
C GLU A 290 -27.02 13.10 -2.87
N ALA A 291 -26.74 14.40 -2.97
CA ALA A 291 -26.04 14.96 -4.11
C ALA A 291 -24.55 14.64 -4.02
N ASP A 292 -23.91 15.04 -2.91
CA ASP A 292 -22.47 14.82 -2.71
C ASP A 292 -22.18 13.42 -2.17
N CYS A 293 -22.26 12.46 -3.09
CA CYS A 293 -21.89 11.07 -2.84
C CYS A 293 -21.52 10.43 -4.18
N GLY A 294 -21.07 9.18 -4.14
CA GLY A 294 -20.74 8.43 -5.36
C GLY A 294 -19.74 9.14 -6.26
N LEU A 295 -18.81 9.85 -5.64
CA LEU A 295 -17.83 10.68 -6.33
C LEU A 295 -16.56 10.72 -5.48
N ARG A 296 -15.72 9.71 -5.66
CA ARG A 296 -14.44 9.64 -4.93
C ARG A 296 -13.60 10.82 -5.38
N PRO A 297 -13.19 11.70 -4.43
CA PRO A 297 -12.33 12.85 -4.80
C PRO A 297 -10.98 12.48 -5.42
N LEU A 298 -10.49 11.27 -5.13
CA LEU A 298 -9.19 10.80 -5.60
C LEU A 298 -9.26 10.11 -6.98
N PHE A 299 -10.41 9.52 -7.31
CA PHE A 299 -10.61 8.78 -8.56
C PHE A 299 -11.58 9.47 -9.52
N GLU A 300 -12.84 9.62 -9.09
CA GLU A 300 -13.92 10.10 -9.96
C GLU A 300 -13.82 11.59 -10.30
N LYS A 301 -13.49 12.41 -9.31
CA LYS A 301 -13.34 13.86 -9.54
C LYS A 301 -12.11 14.18 -10.39
N LYS A 302 -10.99 13.51 -10.08
CA LYS A 302 -9.78 13.62 -10.92
C LYS A 302 -9.88 12.84 -12.25
N SER A 303 -10.83 11.90 -12.32
CA SER A 303 -11.14 11.13 -13.52
C SER A 303 -9.98 10.25 -13.93
N LEU A 304 -9.73 9.24 -13.09
CA LEU A 304 -8.64 8.27 -13.28
C LEU A 304 -9.16 6.87 -12.99
N GLU A 305 -9.01 5.96 -13.96
CA GLU A 305 -9.55 4.61 -13.86
C GLU A 305 -8.73 3.78 -12.87
N ASP A 306 -9.44 3.06 -12.00
CA ASP A 306 -8.81 2.01 -11.21
C ASP A 306 -8.49 0.80 -12.10
N LYS A 307 -7.71 -0.13 -11.57
CA LYS A 307 -7.32 -1.34 -12.29
C LYS A 307 -8.52 -2.23 -12.62
N THR A 308 -9.49 -2.28 -11.70
CA THR A 308 -10.64 -3.18 -11.80
C THR A 308 -11.83 -2.68 -12.67
N GLU A 309 -11.65 -1.56 -13.37
CA GLU A 309 -12.61 -1.06 -14.39
C GLU A 309 -12.39 -1.65 -15.81
N ARG A 310 -11.23 -2.27 -16.04
CA ARG A 310 -10.90 -2.92 -17.32
C ARG A 310 -11.17 -4.44 -17.32
N GLU A 311 -11.89 -4.92 -16.30
CA GLU A 311 -12.19 -6.35 -16.15
C GLU A 311 -13.59 -6.61 -15.54
N LEU A 312 -14.53 -5.69 -15.80
CA LEU A 312 -15.89 -5.75 -15.22
C LEU A 312 -16.85 -6.70 -15.97
N LEU A 313 -16.62 -6.86 -17.28
CA LEU A 313 -17.51 -7.64 -18.13
C LEU A 313 -17.26 -9.14 -17.94
N GLU A 314 -18.34 -9.93 -17.93
CA GLU A 314 -18.23 -11.39 -17.95
C GLU A 314 -17.65 -11.90 -19.28
N SER A 315 -17.86 -11.13 -20.35
CA SER A 315 -17.32 -11.45 -21.68
C SER A 315 -15.80 -11.35 -21.78
N TYR A 316 -15.18 -10.42 -21.04
CA TYR A 316 -13.74 -10.21 -21.11
C TYR A 316 -12.97 -11.39 -20.50
N ILE A 317 -12.11 -12.02 -21.32
CA ILE A 317 -11.33 -13.24 -20.99
C ILE A 317 -12.10 -14.36 -20.26
N ASP A 318 -13.38 -14.54 -20.63
CA ASP A 318 -14.25 -15.62 -20.11
C ASP A 318 -14.40 -15.67 -18.58
N GLY A 319 -13.43 -16.28 -17.88
CA GLY A 319 -13.51 -16.42 -16.42
C GLY A 319 -12.49 -17.37 -15.79
N ARG A 320 -11.99 -16.98 -14.63
CA ARG A 320 -11.09 -17.80 -13.79
C ARG A 320 -11.36 -17.51 -12.30
N ILE A 321 -10.69 -18.24 -11.41
CA ILE A 321 -10.76 -17.98 -9.97
C ILE A 321 -9.82 -16.81 -9.65
N VAL A 322 -10.38 -15.68 -9.22
CA VAL A 322 -9.62 -14.48 -8.90
C VAL A 322 -9.24 -14.48 -7.41
N GLU A 323 -7.93 -14.35 -7.16
CA GLU A 323 -7.34 -14.48 -5.82
C GLU A 323 -7.57 -13.22 -4.99
N GLY A 324 -7.36 -13.33 -3.68
CA GLY A 324 -7.38 -12.17 -2.78
C GLY A 324 -6.49 -11.03 -3.27
N SER A 325 -6.88 -9.80 -2.91
CA SER A 325 -6.17 -8.60 -3.36
C SER A 325 -5.73 -7.71 -2.20
N ASP A 326 -4.57 -7.08 -2.40
CA ASP A 326 -4.14 -5.93 -1.62
C ASP A 326 -4.68 -4.70 -2.38
N ALA A 327 -5.56 -3.95 -1.74
CA ALA A 327 -6.16 -2.77 -2.36
C ALA A 327 -5.17 -1.62 -2.54
N GLU A 328 -5.58 -0.62 -3.32
CA GLU A 328 -4.76 0.57 -3.59
C GLU A 328 -5.03 1.63 -2.51
N ILE A 329 -4.33 2.75 -2.59
CA ILE A 329 -4.46 3.83 -1.60
C ILE A 329 -5.81 4.57 -1.73
N GLY A 330 -6.62 4.50 -0.67
CA GLY A 330 -7.87 5.27 -0.57
C GLY A 330 -8.99 5.03 -1.58
N MET A 331 -9.19 3.77 -1.99
CA MET A 331 -10.19 3.44 -3.03
C MET A 331 -11.44 2.69 -2.51
N SER A 332 -11.85 3.01 -1.29
CA SER A 332 -13.13 2.53 -0.77
C SER A 332 -13.61 3.41 0.40
N PRO A 333 -13.69 4.74 0.18
CA PRO A 333 -13.91 5.71 1.26
C PRO A 333 -15.16 5.43 2.10
N TRP A 334 -16.15 4.81 1.45
CA TRP A 334 -17.29 4.20 2.14
C TRP A 334 -16.81 2.96 2.90
N GLN A 335 -16.61 3.12 4.20
CA GLN A 335 -16.29 1.99 5.09
C GLN A 335 -16.52 2.40 6.54
N VAL A 336 -17.02 1.45 7.34
CA VAL A 336 -17.19 1.65 8.78
C VAL A 336 -16.67 0.43 9.54
N MET A 337 -16.00 0.68 10.67
CA MET A 337 -15.40 -0.37 11.51
C MET A 337 -15.88 -0.24 12.96
N LEU A 338 -16.93 -1.00 13.28
CA LEU A 338 -17.60 -0.95 14.58
C LEU A 338 -16.81 -1.74 15.62
N PHE A 339 -16.44 -1.08 16.72
CA PHE A 339 -15.61 -1.68 17.80
C PHE A 339 -16.41 -1.91 19.09
N ARG A 340 -15.72 -2.39 20.13
CA ARG A 340 -16.30 -2.56 21.47
C ARG A 340 -15.50 -1.75 22.49
N LYS A 341 -16.19 -1.23 23.53
CA LYS A 341 -15.57 -0.29 24.48
C LYS A 341 -14.67 -0.95 25.53
N SER A 342 -15.20 -1.97 26.21
CA SER A 342 -14.49 -2.67 27.28
C SER A 342 -14.86 -4.18 27.29
N PRO A 343 -13.98 -5.07 26.82
CA PRO A 343 -12.62 -4.76 26.31
C PRO A 343 -12.60 -4.23 24.88
N GLN A 344 -11.42 -3.82 24.41
CA GLN A 344 -11.22 -3.36 23.04
C GLN A 344 -11.32 -4.55 22.08
N GLU A 345 -12.36 -4.54 21.23
CA GLU A 345 -12.68 -5.67 20.36
C GLU A 345 -13.43 -5.23 19.10
N LEU A 346 -12.83 -5.50 17.93
CA LEU A 346 -13.51 -5.34 16.65
C LEU A 346 -14.66 -6.35 16.59
N LEU A 347 -15.86 -5.84 16.31
CA LEU A 347 -17.06 -6.67 16.23
C LEU A 347 -17.50 -6.84 14.76
N CYS A 348 -18.20 -5.85 14.22
CA CYS A 348 -18.91 -5.98 12.94
C CYS A 348 -18.66 -4.77 12.04
N GLY A 349 -19.37 -4.71 10.92
CA GLY A 349 -19.21 -3.63 9.93
C GLY A 349 -20.48 -2.87 9.63
N ALA A 350 -20.30 -1.64 9.14
CA ALA A 350 -21.41 -0.79 8.66
C ALA A 350 -21.02 -0.10 7.35
N SER A 351 -22.03 0.46 6.69
CA SER A 351 -21.86 1.14 5.42
C SER A 351 -22.22 2.60 5.61
N LEU A 352 -21.27 3.50 5.34
CA LEU A 352 -21.51 4.94 5.44
C LEU A 352 -22.44 5.39 4.32
N ILE A 353 -23.63 5.86 4.69
CA ILE A 353 -24.68 6.24 3.73
C ILE A 353 -24.89 7.75 3.60
N SER A 354 -24.66 8.50 4.68
CA SER A 354 -24.72 9.96 4.66
C SER A 354 -23.68 10.55 5.63
N ASP A 355 -23.71 11.87 5.81
CA ASP A 355 -22.93 12.52 6.86
C ASP A 355 -23.44 12.23 8.29
N ARG A 356 -24.70 11.79 8.42
CA ARG A 356 -25.31 11.50 9.73
C ARG A 356 -26.27 10.28 9.73
N TRP A 357 -25.87 9.18 9.06
CA TRP A 357 -26.58 7.88 9.14
C TRP A 357 -25.62 6.69 8.97
N VAL A 358 -25.94 5.59 9.67
CA VAL A 358 -25.10 4.38 9.68
C VAL A 358 -25.94 3.09 9.47
N LEU A 359 -25.98 2.65 8.22
CA LEU A 359 -26.61 1.39 7.82
C LEU A 359 -25.64 0.26 8.17
N THR A 360 -25.97 -0.52 9.20
CA THR A 360 -25.14 -1.64 9.67
C THR A 360 -25.92 -2.96 9.72
N ALA A 361 -25.21 -4.04 10.03
CA ALA A 361 -25.85 -5.35 10.17
C ALA A 361 -26.68 -5.44 11.46
N ALA A 362 -27.73 -6.26 11.40
CA ALA A 362 -28.68 -6.44 12.51
C ALA A 362 -28.38 -7.68 13.35
N HIS A 363 -27.92 -8.75 12.70
CA HIS A 363 -27.49 -9.98 13.37
C HIS A 363 -26.45 -9.72 14.47
N CYS A 364 -25.47 -8.87 14.16
CA CYS A 364 -24.41 -8.49 15.12
C CYS A 364 -24.85 -7.20 15.79
N LEU A 365 -25.89 -7.33 16.62
CA LEU A 365 -26.50 -6.21 17.33
C LEU A 365 -27.36 -6.78 18.47
N LEU A 366 -28.46 -7.44 18.12
CA LEU A 366 -29.37 -8.09 19.07
C LEU A 366 -29.36 -9.59 18.80
N TYR A 367 -28.77 -10.35 19.71
CA TYR A 367 -28.66 -11.81 19.57
C TYR A 367 -28.54 -12.45 20.97
N PRO A 368 -29.71 -12.73 21.61
CA PRO A 368 -29.71 -13.26 23.00
C PRO A 368 -29.19 -14.70 23.22
N PRO A 369 -28.96 -15.51 22.15
CA PRO A 369 -28.16 -16.71 22.38
C PRO A 369 -26.67 -16.44 22.72
N TRP A 370 -26.15 -15.28 22.36
CA TRP A 370 -24.79 -14.85 22.74
C TRP A 370 -24.74 -14.01 24.04
N ASP A 371 -25.89 -13.79 24.70
CA ASP A 371 -26.04 -12.85 25.84
C ASP A 371 -25.65 -11.44 25.39
N LYS A 372 -26.63 -10.69 24.88
CA LYS A 372 -26.35 -9.45 24.14
C LYS A 372 -27.50 -8.42 24.18
N ASN A 373 -27.43 -7.51 25.15
CA ASN A 373 -28.30 -6.32 25.22
C ASN A 373 -27.42 -5.08 25.43
N PHE A 374 -26.38 -4.96 24.60
CA PHE A 374 -25.44 -3.83 24.66
C PHE A 374 -25.96 -2.72 23.73
N THR A 375 -26.40 -1.63 24.33
CA THR A 375 -27.18 -0.60 23.63
C THR A 375 -26.37 0.72 23.51
N GLU A 376 -26.98 1.87 23.82
CA GLU A 376 -26.43 3.20 23.43
C GLU A 376 -25.06 3.56 24.01
N ASN A 377 -24.73 3.06 25.20
CA ASN A 377 -23.43 3.36 25.82
C ASN A 377 -22.29 2.56 25.20
N ASP A 378 -22.45 1.23 25.10
CA ASP A 378 -21.35 0.29 24.85
C ASP A 378 -21.00 0.04 23.35
N LEU A 379 -20.75 1.11 22.61
CA LEU A 379 -20.45 1.01 21.16
C LEU A 379 -19.58 2.17 20.68
N LEU A 380 -18.85 1.94 19.59
CA LEU A 380 -18.15 3.02 18.88
C LEU A 380 -17.79 2.64 17.43
N VAL A 381 -17.94 3.60 16.52
CA VAL A 381 -17.67 3.41 15.08
C VAL A 381 -16.45 4.23 14.63
N ARG A 382 -15.75 3.74 13.62
CA ARG A 382 -14.55 4.41 13.09
C ARG A 382 -14.61 4.41 11.57
N ILE A 383 -14.34 5.59 10.98
CA ILE A 383 -14.45 5.81 9.53
C ILE A 383 -13.08 6.14 8.94
N GLY A 384 -12.79 5.58 7.76
CA GLY A 384 -11.54 5.87 7.05
C GLY A 384 -10.32 5.18 7.64
N LYS A 385 -10.44 3.87 7.87
CA LYS A 385 -9.35 3.05 8.43
C LYS A 385 -8.78 2.10 7.38
N HIS A 386 -7.48 2.22 7.11
CA HIS A 386 -6.76 1.27 6.24
C HIS A 386 -6.03 0.23 7.09
N SER A 387 -5.25 0.71 8.06
CA SER A 387 -4.57 -0.17 9.02
C SER A 387 -5.47 -0.49 10.21
N ARG A 388 -5.96 -1.72 10.26
CA ARG A 388 -6.68 -2.28 11.41
C ARG A 388 -5.79 -2.35 12.68
N THR A 389 -4.48 -2.54 12.47
CA THR A 389 -3.50 -2.64 13.55
C THR A 389 -3.16 -1.30 14.18
N ARG A 390 -2.77 -0.35 13.33
CA ARG A 390 -2.23 0.96 13.76
C ARG A 390 -3.31 2.01 14.05
N TYR A 391 -2.89 3.19 14.51
CA TYR A 391 -3.75 4.36 14.71
C TYR A 391 -3.34 5.49 13.77
N GLU A 392 -4.32 6.01 13.01
CA GLU A 392 -4.08 7.05 11.98
C GLU A 392 -4.87 8.31 12.36
N ARG A 393 -4.39 9.02 13.39
CA ARG A 393 -5.18 10.07 14.12
C ARG A 393 -5.98 11.07 13.27
N ASN A 394 -5.51 11.33 12.06
CA ASN A 394 -6.05 12.39 11.19
C ASN A 394 -6.96 11.85 10.08
N ILE A 395 -6.49 10.88 9.30
CA ILE A 395 -7.26 10.33 8.17
C ILE A 395 -8.45 9.45 8.60
N GLU A 396 -8.42 9.00 9.86
CA GLU A 396 -9.60 8.51 10.55
C GLU A 396 -9.87 9.45 11.72
N LYS A 397 -11.01 9.25 12.36
CA LYS A 397 -11.30 9.90 13.64
C LYS A 397 -12.46 9.20 14.36
N ILE A 398 -12.66 9.58 15.62
CA ILE A 398 -13.61 8.91 16.51
C ILE A 398 -15.01 9.48 16.31
N SER A 399 -16.03 8.64 16.50
CA SER A 399 -17.42 9.00 16.23
C SER A 399 -18.38 8.31 17.23
N MET A 400 -18.76 9.04 18.28
CA MET A 400 -19.76 8.56 19.25
C MET A 400 -21.10 8.25 18.59
N LEU A 401 -21.89 7.42 19.26
CA LEU A 401 -23.16 6.93 18.71
C LEU A 401 -24.38 7.46 19.46
N GLU A 402 -25.52 7.42 18.78
CA GLU A 402 -26.80 7.88 19.31
C GLU A 402 -27.81 6.70 19.17
N LYS A 403 -29.06 6.96 18.77
CA LYS A 403 -30.11 5.93 18.89
C LYS A 403 -30.09 4.92 17.75
N ILE A 404 -30.50 3.70 18.09
CA ILE A 404 -30.66 2.62 17.13
C ILE A 404 -32.11 2.65 16.69
N TYR A 405 -32.36 2.12 15.49
CA TYR A 405 -33.73 1.95 14.97
C TYR A 405 -33.89 0.53 14.43
N ILE A 406 -35.05 -0.07 14.70
CA ILE A 406 -35.33 -1.47 14.38
C ILE A 406 -36.27 -1.57 13.17
N HIS A 407 -36.15 -2.66 12.41
CA HIS A 407 -37.06 -3.02 11.34
C HIS A 407 -37.68 -4.37 11.72
N PRO A 408 -38.76 -4.36 12.55
CA PRO A 408 -39.40 -5.57 13.13
C PRO A 408 -39.66 -6.81 12.25
N ARG A 409 -39.55 -6.69 10.94
CA ARG A 409 -39.43 -7.87 10.06
C ARG A 409 -38.18 -8.69 10.41
N TYR A 410 -37.12 -8.01 10.86
CA TYR A 410 -35.87 -8.64 11.33
C TYR A 410 -36.09 -9.87 12.21
N ASN A 411 -35.76 -11.04 11.65
CA ASN A 411 -35.90 -12.33 12.33
C ASN A 411 -34.61 -13.14 12.25
N TRP A 412 -33.77 -12.98 13.27
CA TRP A 412 -32.62 -13.87 13.46
C TRP A 412 -33.08 -15.30 13.80
N ARG A 413 -34.20 -15.40 14.54
CA ARG A 413 -34.71 -16.69 15.04
C ARG A 413 -34.97 -17.71 13.93
N GLU A 414 -35.60 -17.26 12.86
CA GLU A 414 -35.96 -18.16 11.75
C GLU A 414 -34.79 -18.32 10.76
N ASN A 415 -34.65 -17.34 9.84
CA ASN A 415 -33.75 -17.47 8.66
C ASN A 415 -33.37 -16.10 8.07
N LEU A 416 -32.74 -15.26 8.89
CA LEU A 416 -32.21 -13.96 8.43
C LEU A 416 -33.16 -13.21 7.47
N ASP A 417 -34.44 -13.15 7.83
CA ASP A 417 -35.39 -12.34 7.08
C ASP A 417 -35.13 -10.88 7.40
N ARG A 418 -34.69 -10.11 6.40
CA ARG A 418 -34.33 -8.69 6.55
C ARG A 418 -33.26 -8.45 7.63
N ASP A 419 -31.99 -8.59 7.24
CA ASP A 419 -30.85 -8.26 8.11
C ASP A 419 -30.52 -6.75 8.00
N ILE A 420 -31.56 -5.92 8.18
CA ILE A 420 -31.56 -4.52 7.75
C ILE A 420 -32.00 -3.61 8.91
N ALA A 421 -31.01 -2.93 9.50
CA ALA A 421 -31.23 -2.02 10.60
C ALA A 421 -30.43 -0.73 10.41
N LEU A 422 -30.60 0.22 11.33
CA LEU A 422 -29.99 1.54 11.22
C LEU A 422 -29.49 2.05 12.58
N MET A 423 -28.36 2.76 12.54
CA MET A 423 -27.75 3.41 13.69
C MET A 423 -27.86 4.93 13.52
N LYS A 424 -27.29 5.70 14.45
CA LYS A 424 -27.29 7.17 14.38
C LYS A 424 -26.06 7.76 15.07
N LEU A 425 -25.28 8.57 14.36
CA LEU A 425 -24.16 9.30 14.96
C LEU A 425 -24.68 10.53 15.69
N LYS A 426 -23.82 11.19 16.47
CA LYS A 426 -24.19 12.44 17.16
C LYS A 426 -23.65 13.67 16.41
N LYS A 427 -22.33 13.69 16.19
CA LYS A 427 -21.70 14.78 15.43
C LYS A 427 -21.95 14.63 13.92
N PRO A 428 -21.62 15.68 13.15
CA PRO A 428 -21.47 15.52 11.70
C PRO A 428 -20.04 15.07 11.36
N VAL A 429 -19.91 13.99 10.58
CA VAL A 429 -18.60 13.64 10.01
C VAL A 429 -18.32 14.55 8.82
N ALA A 430 -17.22 15.30 8.90
CA ALA A 430 -16.84 16.23 7.84
C ALA A 430 -16.33 15.46 6.65
N PHE A 431 -16.57 16.00 5.45
CA PHE A 431 -16.18 15.35 4.20
C PHE A 431 -14.69 15.59 4.00
N SER A 432 -14.05 14.76 3.16
CA SER A 432 -12.59 14.86 2.94
C SER A 432 -12.06 14.15 1.68
N ASP A 433 -10.77 14.35 1.41
CA ASP A 433 -10.07 13.64 0.33
C ASP A 433 -10.06 12.12 0.54
N TYR A 434 -9.97 11.69 1.81
CA TYR A 434 -10.05 10.28 2.18
C TYR A 434 -11.49 9.78 2.45
N ILE A 435 -12.35 10.63 3.03
CA ILE A 435 -13.70 10.22 3.47
C ILE A 435 -14.80 10.78 2.57
N HIS A 436 -15.72 9.91 2.15
CA HIS A 436 -16.79 10.27 1.19
C HIS A 436 -17.90 9.18 1.16
N PRO A 437 -19.16 9.54 1.50
CA PRO A 437 -20.23 8.54 1.53
C PRO A 437 -20.72 8.09 0.15
N VAL A 438 -21.46 6.98 0.11
CA VAL A 438 -21.95 6.37 -1.14
C VAL A 438 -23.45 6.64 -1.36
N CYS A 439 -23.87 6.69 -2.63
CA CYS A 439 -25.27 6.90 -3.00
C CYS A 439 -26.02 5.56 -3.03
N LEU A 440 -27.33 5.64 -3.28
CA LEU A 440 -28.22 4.47 -3.39
C LEU A 440 -29.26 4.63 -4.52
N PRO A 441 -29.57 3.54 -5.26
CA PRO A 441 -30.60 3.59 -6.32
C PRO A 441 -31.94 3.03 -5.87
N ASP A 442 -32.99 3.30 -6.66
CA ASP A 442 -34.36 2.80 -6.42
C ASP A 442 -34.71 1.65 -7.38
N ARG A 443 -35.99 1.25 -7.41
CA ARG A 443 -36.45 0.13 -8.26
C ARG A 443 -36.15 0.32 -9.75
N GLU A 444 -36.49 1.49 -10.29
CA GLU A 444 -36.30 1.77 -11.72
C GLU A 444 -34.83 2.00 -12.13
N THR A 445 -33.95 2.22 -11.14
CA THR A 445 -32.50 2.37 -11.38
C THR A 445 -31.72 1.07 -11.10
N ALA A 446 -32.02 0.40 -10.00
CA ALA A 446 -31.27 -0.79 -9.58
C ALA A 446 -31.48 -2.02 -10.49
N ALA A 447 -32.75 -2.32 -10.79
CA ALA A 447 -33.12 -3.50 -11.58
C ALA A 447 -32.52 -3.53 -12.99
N SER A 448 -32.42 -2.36 -13.62
CA SER A 448 -31.85 -2.23 -14.97
C SER A 448 -30.33 -2.49 -15.04
N LEU A 449 -29.63 -2.35 -13.92
CA LEU A 449 -28.19 -2.59 -13.88
C LEU A 449 -27.84 -4.05 -14.15
N LEU A 450 -28.58 -4.98 -13.55
CA LEU A 450 -28.33 -6.42 -13.71
C LEU A 450 -29.11 -7.08 -14.87
N GLN A 451 -29.46 -6.30 -15.89
CA GLN A 451 -29.83 -6.86 -17.21
C GLN A 451 -28.58 -7.21 -18.00
N ALA A 452 -27.58 -6.32 -17.96
CA ALA A 452 -26.23 -6.59 -18.48
C ALA A 452 -25.35 -7.22 -17.40
N GLY A 453 -24.45 -8.10 -17.81
CA GLY A 453 -23.58 -8.84 -16.88
C GLY A 453 -22.46 -8.01 -16.27
N TYR A 454 -22.80 -7.23 -15.25
CA TYR A 454 -21.85 -6.40 -14.51
C TYR A 454 -21.47 -7.04 -13.16
N LYS A 455 -20.18 -7.04 -12.84
CA LYS A 455 -19.67 -7.66 -11.61
C LYS A 455 -20.00 -6.85 -10.35
N GLY A 456 -19.92 -7.52 -9.20
CA GLY A 456 -20.11 -6.91 -7.89
C GLY A 456 -18.81 -6.87 -7.09
N ARG A 457 -18.54 -5.72 -6.47
CA ARG A 457 -17.32 -5.49 -5.71
C ARG A 457 -17.59 -5.58 -4.21
N VAL A 458 -16.62 -6.15 -3.47
CA VAL A 458 -16.66 -6.23 -2.00
C VAL A 458 -15.26 -5.94 -1.45
N THR A 459 -15.18 -5.07 -0.43
CA THR A 459 -13.92 -4.77 0.27
C THR A 459 -14.04 -5.02 1.78
N GLY A 460 -12.91 -5.20 2.44
CA GLY A 460 -12.88 -5.43 3.88
C GLY A 460 -11.53 -5.90 4.40
N TRP A 461 -11.55 -6.80 5.38
CA TRP A 461 -10.34 -7.54 5.79
C TRP A 461 -10.61 -9.04 6.02
N GLY A 462 -11.75 -9.54 5.53
CA GLY A 462 -12.23 -10.87 5.90
C GLY A 462 -12.73 -10.91 7.33
N ASN A 463 -13.54 -9.92 7.70
CA ASN A 463 -14.19 -9.90 9.03
C ASN A 463 -15.31 -10.92 9.10
N LEU A 464 -16.01 -11.12 7.98
CA LEU A 464 -17.02 -12.19 7.85
C LEU A 464 -16.42 -13.58 8.07
N LYS A 465 -15.24 -13.82 7.49
CA LYS A 465 -14.53 -15.10 7.60
C LYS A 465 -14.24 -15.47 9.06
N GLU A 466 -13.53 -14.58 9.75
CA GLU A 466 -13.04 -14.83 11.11
C GLU A 466 -14.15 -14.93 12.17
N THR A 467 -15.23 -14.16 12.00
CA THR A 467 -16.32 -14.11 12.98
C THR A 467 -17.19 -15.38 13.02
N TRP A 468 -17.18 -16.18 11.94
CA TRP A 468 -18.02 -17.40 11.88
C TRP A 468 -17.26 -18.73 12.04
N THR A 469 -16.09 -18.86 11.42
CA THR A 469 -15.27 -20.10 11.52
C THR A 469 -13.94 -19.84 12.21
N CYS A 470 -13.49 -20.80 13.02
CA CYS A 470 -12.18 -20.72 13.69
C CYS A 470 -11.09 -20.78 12.62
N ASN A 471 -11.09 -21.86 11.84
CA ASN A 471 -10.46 -21.93 10.51
C ASN A 471 -8.93 -21.65 10.50
N VAL A 472 -8.15 -22.73 10.54
CA VAL A 472 -6.69 -22.64 10.50
C VAL A 472 -6.24 -22.70 9.04
N GLY A 473 -5.11 -22.05 8.75
CA GLY A 473 -4.54 -21.96 7.41
C GLY A 473 -4.24 -20.52 7.07
N LYS A 474 -5.30 -19.72 6.99
CA LYS A 474 -5.21 -18.32 6.60
C LYS A 474 -5.79 -17.42 7.68
N GLY A 475 -5.34 -16.16 7.71
CA GLY A 475 -5.72 -15.19 8.75
C GLY A 475 -5.92 -13.76 8.27
N GLN A 476 -6.35 -12.90 9.19
CA GLN A 476 -6.72 -11.50 8.90
C GLN A 476 -5.49 -10.64 8.54
N PRO A 477 -5.45 -10.08 7.31
CA PRO A 477 -4.34 -9.18 6.96
C PRO A 477 -4.52 -7.76 7.51
N SER A 478 -3.42 -7.01 7.51
CA SER A 478 -3.45 -5.56 7.80
C SER A 478 -4.08 -4.76 6.64
N VAL A 479 -3.73 -5.15 5.41
CA VAL A 479 -4.14 -4.44 4.19
C VAL A 479 -5.63 -4.67 3.92
N LEU A 480 -6.28 -3.67 3.33
CA LEU A 480 -7.67 -3.78 2.91
C LEU A 480 -7.82 -4.77 1.75
N GLN A 481 -8.84 -5.62 1.85
CA GLN A 481 -9.19 -6.55 0.78
C GLN A 481 -10.07 -5.86 -0.26
N VAL A 482 -10.09 -6.44 -1.45
CA VAL A 482 -10.95 -5.97 -2.54
C VAL A 482 -11.05 -7.09 -3.57
N VAL A 483 -12.25 -7.33 -4.11
CA VAL A 483 -12.47 -8.48 -4.99
C VAL A 483 -13.74 -8.30 -5.84
N ASN A 484 -13.75 -8.93 -7.01
CA ASN A 484 -14.87 -8.85 -7.97
C ASN A 484 -15.67 -10.17 -7.98
N LEU A 485 -16.95 -10.09 -8.28
CA LEU A 485 -17.84 -11.26 -8.35
C LEU A 485 -18.85 -11.13 -9.51
N PRO A 486 -18.86 -12.09 -10.46
CA PRO A 486 -19.92 -12.09 -11.48
C PRO A 486 -21.34 -12.41 -10.94
N ILE A 487 -22.31 -12.51 -11.85
CA ILE A 487 -23.72 -12.75 -11.49
C ILE A 487 -24.08 -14.23 -11.65
N VAL A 488 -25.06 -14.69 -10.87
CA VAL A 488 -25.55 -16.07 -10.88
C VAL A 488 -27.07 -16.08 -11.06
N GLU A 489 -27.58 -17.06 -11.82
CA GLU A 489 -29.02 -17.15 -12.14
C GLU A 489 -29.86 -17.59 -10.94
N ARG A 490 -31.18 -17.41 -11.07
CA ARG A 490 -32.13 -17.69 -9.98
C ARG A 490 -32.31 -19.19 -9.68
N PRO A 491 -32.79 -20.00 -10.67
CA PRO A 491 -32.98 -21.44 -10.39
C PRO A 491 -31.67 -22.25 -10.26
N VAL A 492 -30.56 -21.70 -10.76
CA VAL A 492 -29.21 -22.30 -10.58
C VAL A 492 -28.86 -22.37 -9.09
N CYS A 493 -28.97 -21.24 -8.40
CA CYS A 493 -28.72 -21.17 -6.95
C CYS A 493 -29.80 -21.89 -6.13
N LYS A 494 -31.01 -22.00 -6.66
CA LYS A 494 -32.10 -22.73 -5.99
C LYS A 494 -31.93 -24.24 -5.99
N ASP A 495 -31.43 -24.81 -7.08
CA ASP A 495 -31.21 -26.27 -7.17
C ASP A 495 -29.85 -26.75 -6.65
N SER A 496 -28.95 -25.81 -6.30
CA SER A 496 -27.70 -26.15 -5.64
C SER A 496 -27.96 -26.60 -4.20
N THR A 497 -28.61 -25.73 -3.43
CA THR A 497 -28.98 -26.00 -2.04
C THR A 497 -30.42 -26.56 -1.94
N ARG A 498 -30.63 -27.54 -1.08
CA ARG A 498 -31.95 -28.14 -0.85
C ARG A 498 -32.82 -27.25 0.04
N ILE A 499 -32.18 -26.54 0.97
CA ILE A 499 -32.86 -25.64 1.92
C ILE A 499 -33.52 -24.48 1.15
N ARG A 500 -34.69 -24.05 1.62
CA ARG A 500 -35.52 -23.06 0.92
C ARG A 500 -34.95 -21.63 1.06
N ILE A 501 -34.98 -20.88 -0.05
CA ILE A 501 -34.51 -19.48 -0.10
C ILE A 501 -35.50 -18.60 -0.88
N THR A 502 -35.30 -17.28 -0.86
CA THR A 502 -36.17 -16.32 -1.57
C THR A 502 -35.40 -15.22 -2.33
N ASP A 503 -36.14 -14.47 -3.15
CA ASP A 503 -35.62 -13.29 -3.86
C ASP A 503 -35.22 -12.14 -2.93
N ASN A 504 -35.73 -12.18 -1.70
CA ASN A 504 -35.32 -11.30 -0.59
C ASN A 504 -33.80 -11.07 -0.53
N MET A 505 -33.05 -12.17 -0.65
CA MET A 505 -31.59 -12.14 -0.69
C MET A 505 -31.12 -12.48 -2.12
N PHE A 506 -29.81 -12.59 -2.34
CA PHE A 506 -29.28 -13.03 -3.66
C PHE A 506 -27.88 -13.68 -3.64
N CYS A 507 -27.60 -14.48 -4.69
CA CYS A 507 -26.39 -15.31 -4.80
C CYS A 507 -25.37 -14.75 -5.79
N ALA A 508 -24.10 -14.67 -5.39
CA ALA A 508 -23.04 -14.13 -6.25
C ALA A 508 -21.63 -14.66 -5.90
N GLY A 509 -21.12 -15.56 -6.75
CA GLY A 509 -19.78 -16.14 -6.57
C GLY A 509 -19.22 -16.79 -7.84
N TYR A 510 -18.00 -17.34 -7.72
CA TYR A 510 -17.30 -18.00 -8.84
C TYR A 510 -17.63 -19.50 -8.94
N LYS A 511 -17.14 -20.13 -10.00
CA LYS A 511 -17.27 -21.57 -10.22
C LYS A 511 -16.33 -22.34 -9.28
N PRO A 512 -16.88 -23.09 -8.30
CA PRO A 512 -16.04 -23.68 -7.23
C PRO A 512 -15.26 -24.94 -7.63
N ASP A 513 -14.33 -25.31 -6.75
CA ASP A 513 -13.44 -26.48 -6.94
C ASP A 513 -14.01 -27.72 -6.26
N GLU A 514 -13.26 -28.83 -6.37
CA GLU A 514 -13.54 -30.06 -5.61
C GLU A 514 -12.86 -30.03 -4.23
N GLY A 515 -11.54 -29.93 -4.23
CA GLY A 515 -10.73 -29.96 -2.98
C GLY A 515 -10.20 -28.62 -2.54
N LYS A 516 -11.10 -27.68 -2.25
CA LYS A 516 -10.74 -26.33 -1.77
C LYS A 516 -11.91 -25.59 -1.12
N ARG A 517 -11.57 -24.62 -0.25
CA ARG A 517 -12.56 -23.71 0.34
C ARG A 517 -13.20 -22.81 -0.73
N GLY A 518 -12.38 -21.96 -1.34
CA GLY A 518 -12.83 -20.95 -2.32
C GLY A 518 -12.54 -19.54 -1.84
N ASP A 519 -12.80 -18.56 -2.71
CA ASP A 519 -12.57 -17.14 -2.38
C ASP A 519 -13.91 -16.35 -2.41
N ALA A 520 -14.92 -16.89 -1.74
CA ALA A 520 -16.26 -16.27 -1.65
C ALA A 520 -16.63 -15.93 -0.20
N CYS A 521 -15.62 -15.63 0.62
CA CYS A 521 -15.80 -15.38 2.07
C CYS A 521 -14.99 -14.16 2.57
N GLU A 522 -14.67 -13.24 1.66
CA GLU A 522 -13.88 -12.04 2.00
C GLU A 522 -14.84 -10.93 2.45
N GLY A 523 -14.40 -9.66 2.38
CA GLY A 523 -15.20 -8.53 2.82
C GLY A 523 -15.37 -8.46 4.32
N ASP A 524 -16.34 -7.65 4.76
CA ASP A 524 -16.70 -7.54 6.17
C ASP A 524 -18.17 -7.93 6.34
N SER A 525 -18.57 -8.15 7.59
CA SER A 525 -19.96 -8.43 7.93
C SER A 525 -20.71 -7.11 8.07
N GLY A 526 -21.60 -6.84 7.12
CA GLY A 526 -22.26 -5.54 7.01
C GLY A 526 -21.35 -4.49 6.43
N GLY A 527 -20.55 -4.88 5.43
CA GLY A 527 -19.58 -4.00 4.78
C GLY A 527 -20.08 -3.48 3.44
N PRO A 528 -19.17 -2.87 2.65
CA PRO A 528 -19.53 -2.28 1.36
C PRO A 528 -19.64 -3.29 0.21
N PHE A 529 -20.84 -3.40 -0.35
CA PHE A 529 -21.10 -4.12 -1.60
C PHE A 529 -21.56 -3.07 -2.63
N VAL A 530 -20.64 -2.67 -3.51
CA VAL A 530 -20.87 -1.56 -4.43
C VAL A 530 -20.60 -1.97 -5.87
N MET A 531 -21.00 -1.08 -6.79
CA MET A 531 -20.82 -1.29 -8.23
C MET A 531 -20.69 0.08 -8.93
N LYS A 532 -19.68 0.21 -9.79
CA LYS A 532 -19.45 1.45 -10.53
C LYS A 532 -20.48 1.61 -11.64
N SER A 533 -20.96 2.84 -11.85
CA SER A 533 -21.95 3.12 -12.89
C SER A 533 -21.26 3.36 -14.24
N PRO A 534 -21.83 2.81 -15.34
CA PRO A 534 -21.36 3.19 -16.68
C PRO A 534 -21.99 4.48 -17.22
N PHE A 535 -23.08 4.95 -16.60
CA PHE A 535 -23.81 6.13 -17.06
C PHE A 535 -23.20 7.44 -16.56
N ASN A 536 -23.19 7.59 -15.23
CA ASN A 536 -22.91 8.87 -14.58
C ASN A 536 -21.49 9.00 -14.03
N ASN A 537 -20.69 7.93 -14.15
CA ASN A 537 -19.37 7.83 -13.51
C ASN A 537 -19.51 7.93 -11.98
N ARG A 538 -20.51 7.20 -11.47
CA ARG A 538 -20.89 7.22 -10.05
C ARG A 538 -20.75 5.83 -9.42
N TRP A 539 -20.98 5.75 -8.11
CA TRP A 539 -20.94 4.51 -7.36
C TRP A 539 -22.19 4.36 -6.50
N TYR A 540 -23.05 3.40 -6.88
CA TYR A 540 -24.29 3.11 -6.18
C TYR A 540 -24.12 1.84 -5.35
N GLN A 541 -24.41 1.90 -4.06
CA GLN A 541 -24.41 0.71 -3.20
C GLN A 541 -25.66 -0.12 -3.50
N MET A 542 -25.49 -1.43 -3.68
CA MET A 542 -26.62 -2.33 -3.94
C MET A 542 -26.44 -3.69 -3.25
N GLY A 543 -26.07 -3.65 -1.96
CA GLY A 543 -25.92 -4.88 -1.18
C GLY A 543 -25.44 -4.72 0.26
N ILE A 544 -25.89 -5.64 1.11
CA ILE A 544 -25.45 -5.74 2.50
C ILE A 544 -24.93 -7.16 2.74
N VAL A 545 -23.70 -7.27 3.25
CA VAL A 545 -23.06 -8.58 3.47
C VAL A 545 -23.49 -9.14 4.83
N SER A 546 -24.10 -10.33 4.81
CA SER A 546 -24.47 -11.06 6.02
C SER A 546 -23.92 -12.49 5.94
N TRP A 547 -24.56 -13.44 6.62
CA TRP A 547 -24.19 -14.85 6.53
C TRP A 547 -24.56 -15.46 5.16
N GLY A 548 -23.73 -16.40 4.72
CA GLY A 548 -23.95 -17.15 3.49
C GLY A 548 -23.36 -18.55 3.49
N GLU A 549 -23.81 -19.36 2.53
CA GLU A 549 -23.30 -20.70 2.32
C GLU A 549 -21.88 -20.72 1.74
N GLY A 550 -21.49 -19.64 1.05
CA GLY A 550 -20.13 -19.48 0.52
C GLY A 550 -19.01 -19.52 1.55
N CYS A 551 -19.30 -19.08 2.77
CA CYS A 551 -18.35 -19.20 3.87
C CYS A 551 -18.41 -20.61 4.47
N ASP A 552 -19.48 -20.89 5.22
CA ASP A 552 -19.55 -22.06 6.10
C ASP A 552 -19.34 -23.35 5.33
N ARG A 553 -20.21 -23.61 4.35
CA ARG A 553 -20.10 -24.78 3.49
C ARG A 553 -19.00 -24.59 2.44
N ASP A 554 -18.68 -25.67 1.73
CA ASP A 554 -17.76 -25.63 0.59
C ASP A 554 -18.50 -25.94 -0.71
N GLY A 555 -18.00 -25.37 -1.81
CA GLY A 555 -18.64 -25.49 -3.12
C GLY A 555 -19.90 -24.67 -3.19
N LYS A 556 -19.80 -23.41 -2.74
CA LYS A 556 -20.95 -22.52 -2.59
C LYS A 556 -20.60 -21.05 -2.83
N TYR A 557 -21.64 -20.22 -2.94
CA TYR A 557 -21.52 -18.80 -3.25
C TYR A 557 -21.93 -17.96 -2.03
N GLY A 558 -21.39 -16.74 -1.94
CA GLY A 558 -21.70 -15.80 -0.84
C GLY A 558 -23.10 -15.22 -0.97
N PHE A 559 -23.77 -15.02 0.17
CA PHE A 559 -25.20 -14.69 0.20
C PHE A 559 -25.39 -13.28 0.80
N TYR A 560 -25.95 -12.38 0.00
CA TYR A 560 -26.05 -10.95 0.35
C TYR A 560 -27.51 -10.46 0.27
N THR A 561 -27.88 -9.54 1.16
CA THR A 561 -29.27 -9.01 1.24
C THR A 561 -29.53 -7.92 0.20
N HIS A 562 -30.75 -7.88 -0.35
CA HIS A 562 -31.16 -6.80 -1.27
C HIS A 562 -31.52 -5.53 -0.51
N VAL A 563 -31.41 -4.40 -1.21
CA VAL A 563 -31.64 -3.06 -0.62
C VAL A 563 -32.49 -2.09 -1.45
N PHE A 564 -33.06 -2.55 -2.58
CA PHE A 564 -33.89 -1.68 -3.45
C PHE A 564 -35.29 -1.43 -2.86
N ARG A 565 -35.75 -2.32 -1.99
CA ARG A 565 -36.91 -2.08 -1.12
C ARG A 565 -36.53 -1.18 0.06
N LEU A 566 -37.54 -0.71 0.78
CA LEU A 566 -37.39 0.08 2.01
C LEU A 566 -36.82 1.50 1.76
N LYS A 567 -37.31 2.15 0.71
CA LYS A 567 -36.84 3.50 0.34
C LYS A 567 -37.51 4.56 1.21
N LYS A 568 -38.85 4.51 1.30
CA LYS A 568 -39.62 5.42 2.16
C LYS A 568 -39.67 4.98 3.65
N TRP A 569 -39.07 3.84 3.98
CA TRP A 569 -38.89 3.45 5.39
C TRP A 569 -38.01 4.45 6.15
N ILE A 570 -36.97 4.96 5.49
CA ILE A 570 -36.07 5.96 6.10
C ILE A 570 -36.77 7.33 6.20
N GLN A 571 -37.63 7.63 5.21
CA GLN A 571 -38.39 8.90 5.17
C GLN A 571 -39.31 9.11 6.38
N LYS A 572 -39.91 8.04 6.89
CA LYS A 572 -40.74 8.10 8.10
C LYS A 572 -39.92 8.18 9.39
N VAL A 573 -38.71 7.62 9.37
CA VAL A 573 -37.79 7.65 10.51
C VAL A 573 -37.22 9.06 10.77
N ILE A 574 -36.84 9.77 9.70
CA ILE A 574 -36.28 11.14 9.83
C ILE A 574 -37.23 12.17 10.46
N ASP A 575 -38.53 11.90 10.42
CA ASP A 575 -39.55 12.71 11.12
C ASP A 575 -39.36 12.71 12.65
N GLN A 576 -38.92 11.57 13.20
CA GLN A 576 -38.78 11.39 14.65
C GLN A 576 -37.61 12.15 15.27
N PHE A 577 -36.52 12.30 14.54
CA PHE A 577 -35.30 13.00 15.02
C PHE A 577 -35.57 14.45 15.45
N GLY A 578 -36.51 15.11 14.77
CA GLY A 578 -36.91 16.49 15.10
C GLY A 578 -37.64 16.67 16.41
N GLU A 579 -38.61 15.77 16.68
CA GLU A 579 -39.42 15.86 17.91
C GLU A 579 -38.76 15.30 19.18
N TYR A 580 -37.83 14.35 19.03
CA TYR A 580 -37.17 13.71 20.18
C TYR A 580 -36.24 14.66 20.96
N LEU A 581 -35.55 15.54 20.26
CA LEU A 581 -34.62 16.51 20.87
C LEU A 581 -35.36 17.64 21.60
N GLU A 582 -34.72 18.19 22.63
CA GLU A 582 -35.25 19.29 23.45
C GLU A 582 -36.58 18.93 24.14
N ALA B 1 20.89 -4.34 -49.56
CA ALA B 1 22.19 -5.06 -49.34
C ALA B 1 22.03 -6.29 -48.40
N ASN B 2 20.92 -7.01 -48.53
CA ASN B 2 20.64 -8.23 -47.72
C ASN B 2 19.97 -9.34 -48.55
N THR B 3 18.71 -9.12 -48.94
CA THR B 3 17.91 -10.13 -49.70
C THR B 3 17.98 -9.92 -51.23
N PHE B 4 17.03 -10.51 -51.96
CA PHE B 4 17.03 -10.49 -53.43
C PHE B 4 16.35 -9.25 -54.06
N LEU B 5 15.13 -8.96 -53.60
CA LEU B 5 14.24 -8.01 -54.30
C LEU B 5 14.61 -6.53 -54.11
N VAL B 8 17.58 -4.63 -56.21
CA VAL B 8 17.32 -4.29 -57.62
C VAL B 8 17.22 -2.76 -57.82
N ARG B 9 16.68 -2.07 -56.82
CA ARG B 9 16.53 -0.60 -56.86
C ARG B 9 17.84 0.19 -56.62
N LYS B 10 18.84 -0.46 -56.02
CA LYS B 10 20.11 0.21 -55.65
C LYS B 10 20.89 0.69 -56.88
N GLY B 11 20.93 -0.14 -57.92
CA GLY B 11 21.58 0.25 -59.18
C GLY B 11 20.96 1.47 -59.85
N ASN B 12 19.65 1.63 -59.70
CA ASN B 12 18.90 2.74 -60.34
C ASN B 12 19.18 4.10 -59.69
N LEU B 13 19.24 4.14 -58.36
CA LEU B 13 19.53 5.38 -57.61
C LEU B 13 20.98 5.84 -57.74
N ARG B 15 22.49 5.56 -60.59
CA ARG B 15 22.44 6.17 -61.94
C ARG B 15 21.77 7.56 -61.95
N CYS B 17 20.16 9.64 -59.77
CA CYS B 17 20.45 10.68 -58.77
C CYS B 17 21.91 11.13 -58.79
N VAL B 18 22.84 10.18 -58.67
CA VAL B 18 24.23 10.49 -58.28
C VAL B 18 25.11 10.99 -59.43
N THR B 21 21.48 14.15 -61.67
CA THR B 21 20.95 14.98 -60.55
C THR B 21 19.44 14.76 -60.38
N CYS B 22 18.95 14.74 -59.14
CA CYS B 22 17.52 14.45 -58.86
C CYS B 22 16.78 15.47 -57.97
N SER B 23 15.45 15.41 -58.07
CA SER B 23 14.50 16.27 -57.35
C SER B 23 13.55 15.48 -56.43
N TYR B 24 12.65 16.20 -55.75
CA TYR B 24 11.69 15.63 -54.80
C TYR B 24 10.63 14.75 -55.47
N ALA B 27 12.56 11.61 -57.28
CA ALA B 27 12.98 10.51 -56.40
C ALA B 27 11.80 9.65 -55.98
N PHE B 28 10.71 10.29 -55.57
CA PHE B 28 9.43 9.61 -55.33
C PHE B 28 8.84 9.12 -56.67
N ALA B 30 10.83 5.86 -58.38
CA ALA B 30 11.53 4.59 -58.32
C ALA B 30 12.19 4.50 -56.94
N LEU B 31 11.37 4.20 -55.94
CA LEU B 31 11.82 4.20 -54.54
C LEU B 31 10.88 3.40 -53.63
N SER B 33 9.03 4.46 -50.81
CA SER B 33 9.10 4.73 -49.37
C SER B 33 8.97 6.23 -49.11
N SER B 34 7.91 6.62 -48.41
CA SER B 34 7.66 8.02 -48.07
C SER B 34 8.68 8.60 -47.07
N THR B 35 9.28 7.73 -46.26
CA THR B 35 10.22 8.15 -45.19
C THR B 35 11.70 8.10 -45.59
N ALA B 36 12.09 7.07 -46.36
CA ALA B 36 13.50 6.87 -46.76
C ALA B 36 14.07 7.93 -47.72
N THR B 37 13.19 8.69 -48.37
CA THR B 37 13.58 9.86 -49.20
C THR B 37 13.96 11.07 -48.32
N ASP B 38 13.30 11.22 -47.17
CA ASP B 38 13.62 12.30 -46.22
C ASP B 38 15.02 12.10 -45.61
N VAL B 39 15.35 10.84 -45.30
CA VAL B 39 16.68 10.45 -44.79
C VAL B 39 17.76 10.68 -45.86
N PHE B 40 17.43 10.46 -47.13
CA PHE B 40 18.35 10.77 -48.21
C PHE B 40 18.60 12.28 -48.31
N TRP B 41 17.51 13.06 -48.36
CA TRP B 41 17.59 14.51 -48.63
C TRP B 41 18.36 15.30 -47.56
N ALA B 42 18.23 14.88 -46.29
CA ALA B 42 19.02 15.48 -45.20
C ALA B 42 20.52 15.21 -45.38
N LYS B 43 20.86 13.99 -45.78
CA LYS B 43 22.25 13.60 -46.06
C LYS B 43 22.77 14.19 -47.38
N TYR B 44 21.88 14.37 -48.35
CA TYR B 44 22.20 14.99 -49.63
C TYR B 44 22.53 16.48 -49.46
N THR B 45 21.67 17.19 -48.73
CA THR B 45 21.84 18.63 -48.48
C THR B 45 23.00 18.95 -47.51
N ALA B 46 23.24 18.07 -46.52
CA ALA B 46 24.32 18.23 -45.54
C ALA B 46 25.70 18.37 -46.20
N CYS B 47 25.96 17.53 -47.20
CA CYS B 47 27.13 17.69 -48.07
C CYS B 47 26.88 18.88 -48.99
N GLU B 48 27.37 20.06 -48.57
CA GLU B 48 26.92 21.35 -49.13
C GLU B 48 27.44 21.59 -50.55
N THR B 49 28.77 21.69 -50.70
CA THR B 49 29.40 21.81 -52.01
C THR B 49 29.90 20.43 -52.43
N ALA B 50 28.97 19.57 -52.84
CA ALA B 50 29.26 18.19 -53.20
C ALA B 50 28.17 17.57 -54.09
N ARG B 51 27.92 18.22 -55.22
CA ARG B 51 26.99 17.71 -56.24
C ARG B 51 27.60 16.51 -56.97
N THR B 52 28.83 16.70 -57.46
CA THR B 52 29.53 15.73 -58.33
C THR B 52 31.05 15.82 -58.10
N PRO B 53 31.85 14.81 -58.47
CA PRO B 53 31.44 13.52 -59.02
C PRO B 53 31.40 12.44 -57.91
N ARG B 54 31.50 11.16 -58.27
CA ARG B 54 31.58 10.07 -57.29
C ARG B 54 33.02 9.83 -56.77
N ASP B 55 34.02 9.98 -57.64
CA ASP B 55 35.45 9.83 -57.29
C ASP B 55 35.90 10.71 -56.11
N LYS B 56 35.39 11.94 -56.09
CA LYS B 56 35.67 12.90 -55.02
C LYS B 56 34.71 12.67 -53.83
N LEU B 57 33.45 12.31 -54.13
CA LEU B 57 32.42 12.08 -53.11
C LEU B 57 32.67 10.80 -52.33
N ALA B 58 32.38 9.64 -52.93
CA ALA B 58 32.51 8.30 -52.30
C ALA B 58 31.75 8.09 -50.97
N ALA B 59 32.23 8.72 -49.89
CA ALA B 59 31.70 8.51 -48.53
C ALA B 59 31.11 9.78 -47.89
N CYS B 60 30.37 10.56 -48.67
CA CYS B 60 29.61 11.72 -48.16
C CYS B 60 28.20 11.25 -47.79
N LEU B 61 27.61 10.43 -48.66
CA LEU B 61 26.39 9.67 -48.34
C LEU B 61 26.64 8.53 -47.35
N GLU B 62 27.88 8.01 -47.32
CA GLU B 62 28.25 6.95 -46.38
C GLU B 62 28.60 7.51 -44.99
N GLY B 63 28.90 8.82 -44.92
CA GLY B 63 28.95 9.58 -43.67
C GLY B 63 30.15 9.30 -42.80
N ASN B 64 31.34 9.50 -43.34
CA ASN B 64 32.60 9.21 -42.64
C ASN B 64 33.71 10.25 -42.87
N CYS B 65 33.35 11.47 -43.26
CA CYS B 65 34.30 12.55 -43.50
C CYS B 65 33.60 13.90 -43.52
N ALA B 66 34.33 14.97 -43.19
CA ALA B 66 33.75 16.30 -42.97
C ALA B 66 34.11 17.30 -44.07
N GLU B 67 33.15 17.59 -44.96
CA GLU B 67 33.33 18.57 -46.04
C GLU B 67 32.61 19.88 -45.71
N GLY B 68 33.25 21.00 -46.08
CA GLY B 68 32.72 22.35 -45.80
C GLY B 68 32.82 22.69 -44.33
N LEU B 69 31.92 22.11 -43.54
CA LEU B 69 32.00 22.11 -42.07
C LEU B 69 31.97 20.66 -41.56
N GLY B 70 30.94 19.91 -41.97
CA GLY B 70 30.82 18.48 -41.69
C GLY B 70 29.51 18.08 -41.03
N THR B 71 28.40 18.52 -41.62
CA THR B 71 27.06 18.18 -41.13
C THR B 71 26.65 16.76 -41.54
N ASN B 72 27.30 16.23 -42.58
CA ASN B 72 27.08 14.87 -43.05
C ASN B 72 27.44 13.78 -42.02
N TYR B 73 28.45 14.06 -41.19
CA TYR B 73 29.12 13.03 -40.38
C TYR B 73 28.17 12.13 -39.56
N ARG B 74 28.37 10.82 -39.66
CA ARG B 74 27.67 9.84 -38.82
C ARG B 74 28.65 8.73 -38.40
N GLY B 75 29.93 9.08 -38.26
CA GLY B 75 30.98 8.10 -37.97
C GLY B 75 30.96 7.58 -36.54
N HIS B 76 32.02 6.87 -36.16
CA HIS B 76 32.01 6.10 -34.90
C HIS B 76 33.33 6.25 -34.12
N VAL B 77 33.39 7.26 -33.26
CA VAL B 77 34.53 7.52 -32.37
C VAL B 77 34.02 7.91 -30.97
N ASN B 78 34.66 7.36 -29.93
CA ASN B 78 34.32 7.68 -28.53
C ASN B 78 34.66 9.14 -28.16
N ILE B 79 35.87 9.56 -28.52
CA ILE B 79 36.46 10.84 -28.05
C ILE B 79 36.33 12.04 -29.01
N THR B 80 36.75 13.22 -28.53
CA THR B 80 36.83 14.46 -29.32
C THR B 80 38.32 14.80 -29.64
N ARG B 81 38.62 16.06 -29.95
CA ARG B 81 40.00 16.49 -30.33
C ARG B 81 41.10 16.12 -29.32
N SER B 82 40.79 16.20 -28.02
CA SER B 82 41.71 15.83 -26.95
C SER B 82 41.17 14.57 -26.26
N GLY B 83 41.84 14.14 -25.18
CA GLY B 83 41.44 12.92 -24.45
C GLY B 83 40.27 13.13 -23.51
N ILE B 84 39.10 13.40 -24.09
CA ILE B 84 37.84 13.63 -23.35
C ILE B 84 36.71 12.94 -24.11
N GLU B 85 36.09 11.93 -23.49
CA GLU B 85 35.07 11.09 -24.15
C GLU B 85 33.75 11.82 -24.38
N CYS B 86 33.11 11.53 -25.52
CA CYS B 86 31.83 12.15 -25.88
C CYS B 86 30.69 11.57 -25.06
N GLN B 87 29.78 12.44 -24.65
CA GLN B 87 28.57 12.07 -23.93
C GLN B 87 27.59 11.37 -24.87
N LEU B 88 26.75 10.52 -24.29
CA LEU B 88 25.60 9.96 -25.01
C LEU B 88 24.59 11.10 -25.24
N TRP B 89 23.93 11.09 -26.40
CA TRP B 89 23.01 12.18 -26.78
C TRP B 89 21.75 12.20 -25.92
N ARG B 90 21.10 11.05 -25.75
CA ARG B 90 19.90 10.96 -24.91
C ARG B 90 20.18 10.92 -23.40
N SER B 91 21.46 10.83 -23.00
CA SER B 91 21.87 11.15 -21.62
C SER B 91 21.96 12.67 -21.44
N ARG B 92 21.95 13.11 -20.18
CA ARG B 92 22.09 14.53 -19.85
C ARG B 92 23.00 14.82 -18.62
N TYR B 93 23.95 13.92 -18.33
CA TYR B 93 25.04 14.21 -17.38
C TYR B 93 26.33 14.46 -18.19
N PRO B 94 27.11 15.51 -17.87
CA PRO B 94 26.85 16.47 -16.78
C PRO B 94 25.84 17.56 -17.17
N HIS B 95 26.19 18.37 -18.17
CA HIS B 95 25.40 19.53 -18.56
C HIS B 95 24.22 19.09 -19.42
N LYS B 96 23.08 19.74 -19.22
CA LYS B 96 21.88 19.43 -20.01
C LYS B 96 21.97 20.11 -21.37
N PRO B 97 21.64 19.39 -22.46
CA PRO B 97 21.61 20.03 -23.77
C PRO B 97 20.33 20.86 -23.94
N GLU B 98 20.47 22.06 -24.52
CA GLU B 98 19.30 22.91 -24.85
C GLU B 98 18.39 22.26 -25.91
N ILE B 99 18.98 21.40 -26.75
CA ILE B 99 18.26 20.58 -27.71
C ILE B 99 17.94 19.21 -27.08
N ASN B 100 16.65 18.88 -26.99
CA ASN B 100 16.18 17.74 -26.17
C ASN B 100 16.37 16.37 -26.86
N CYS B 101 15.72 15.34 -26.30
CA CYS B 101 15.75 13.96 -26.80
C CYS B 101 14.41 13.52 -27.46
N THR B 102 13.84 14.38 -28.33
CA THR B 102 12.56 14.08 -29.02
C THR B 102 12.42 14.75 -30.40
N THR B 103 12.57 16.08 -30.44
CA THR B 103 12.31 16.89 -31.64
C THR B 103 13.24 16.63 -32.84
N HIS B 104 14.50 16.29 -32.57
CA HIS B 104 15.50 16.07 -33.63
C HIS B 104 15.97 14.60 -33.71
N PRO B 105 15.33 13.80 -34.58
CA PRO B 105 15.87 12.51 -35.03
C PRO B 105 16.60 12.57 -36.38
N GLY B 106 16.59 13.74 -37.05
CA GLY B 106 17.15 13.89 -38.39
C GLY B 106 18.64 13.59 -38.53
N ALA B 107 19.43 14.08 -37.56
CA ALA B 107 20.88 13.84 -37.52
C ALA B 107 21.29 12.55 -36.77
N ASP B 108 20.31 11.79 -36.27
CA ASP B 108 20.53 10.61 -35.43
C ASP B 108 21.24 10.98 -34.12
N LEU B 109 20.53 11.74 -33.28
CA LEU B 109 21.03 12.17 -31.97
C LEU B 109 20.89 11.05 -30.94
N GLN B 110 21.74 10.04 -31.10
CA GLN B 110 21.74 8.86 -30.25
C GLN B 110 23.07 8.14 -30.46
N GLU B 111 23.47 7.30 -29.50
CA GLU B 111 24.80 6.69 -29.44
C GLU B 111 25.87 7.75 -29.07
N ASN B 112 27.16 7.41 -29.18
CA ASN B 112 28.24 8.21 -28.54
C ASN B 112 29.27 8.80 -29.52
N PHE B 113 28.79 9.37 -30.62
CA PHE B 113 29.66 9.88 -31.70
C PHE B 113 29.30 11.31 -32.07
N CYS B 114 30.16 11.96 -32.86
CA CYS B 114 30.00 13.39 -33.19
C CYS B 114 28.94 13.66 -34.27
N ARG B 115 28.54 14.92 -34.36
CA ARG B 115 27.52 15.39 -35.30
C ARG B 115 27.82 16.86 -35.68
N ASN B 116 26.86 17.49 -36.37
CA ASN B 116 26.77 18.95 -36.44
C ASN B 116 25.29 19.32 -36.62
N PRO B 117 24.46 19.05 -35.60
CA PRO B 117 23.00 19.02 -35.72
C PRO B 117 22.27 20.37 -35.51
N ASP B 118 22.87 21.48 -35.95
CA ASP B 118 22.17 22.77 -35.97
C ASP B 118 22.80 23.81 -36.93
N SER B 119 24.03 24.23 -36.63
CA SER B 119 24.72 25.29 -37.36
C SER B 119 26.10 25.46 -36.75
N SER B 120 27.14 25.25 -37.56
CA SER B 120 28.52 25.30 -37.06
C SER B 120 28.94 26.74 -36.76
N THR B 121 29.39 26.96 -35.53
CA THR B 121 30.05 28.21 -35.14
C THR B 121 31.55 28.08 -35.37
N MET B 122 32.12 26.94 -34.98
CA MET B 122 33.54 26.61 -35.21
C MET B 122 33.66 25.36 -36.08
N GLY B 123 33.12 24.24 -35.60
CA GLY B 123 33.17 22.95 -36.30
C GLY B 123 32.14 21.96 -35.77
N PRO B 124 32.20 20.68 -36.23
CA PRO B 124 31.34 19.62 -35.67
C PRO B 124 31.77 19.21 -34.27
N TRP B 125 30.84 18.70 -33.46
CA TRP B 125 31.03 18.63 -32.01
C TRP B 125 30.28 17.49 -31.30
N CYS B 126 30.67 17.25 -30.04
CA CYS B 126 29.92 16.42 -29.09
C CYS B 126 29.97 17.08 -27.69
N TYR B 127 29.19 16.55 -26.75
CA TYR B 127 29.21 17.04 -25.36
C TYR B 127 30.28 16.29 -24.56
N THR B 128 31.03 17.03 -23.74
CA THR B 128 32.16 16.45 -22.99
C THR B 128 31.72 15.64 -21.76
N THR B 129 32.69 14.95 -21.18
CA THR B 129 32.55 14.29 -19.87
C THR B 129 32.99 15.20 -18.71
N ASP B 130 34.04 16.00 -18.94
CA ASP B 130 34.61 16.88 -17.91
C ASP B 130 33.77 18.18 -17.77
N PRO B 131 33.10 18.39 -16.60
CA PRO B 131 32.16 19.52 -16.48
C PRO B 131 32.73 20.95 -16.32
N THR B 132 34.03 21.17 -16.49
CA THR B 132 34.60 22.53 -16.45
C THR B 132 34.17 23.33 -17.68
N VAL B 133 34.51 22.81 -18.87
CA VAL B 133 34.13 23.37 -20.17
C VAL B 133 32.87 22.66 -20.70
N ARG B 134 32.08 23.37 -21.51
CA ARG B 134 30.79 22.84 -22.03
C ARG B 134 30.96 21.88 -23.22
N ARG B 135 31.42 22.40 -24.36
CA ARG B 135 31.49 21.66 -25.63
C ARG B 135 32.88 21.70 -26.26
N GLN B 136 33.09 20.84 -27.26
CA GLN B 136 34.38 20.74 -27.97
C GLN B 136 34.19 20.10 -29.35
N GLU B 137 35.18 20.28 -30.23
CA GLU B 137 35.06 19.90 -31.65
C GLU B 137 35.83 18.62 -32.05
N CYS B 138 35.33 17.94 -33.08
CA CYS B 138 35.81 16.62 -33.50
C CYS B 138 36.62 16.68 -34.80
N SER B 139 37.83 16.11 -34.79
CA SER B 139 38.77 16.16 -35.92
C SER B 139 38.60 14.96 -36.86
N ILE B 140 37.55 15.02 -37.67
CA ILE B 140 37.26 14.00 -38.67
C ILE B 140 38.01 14.42 -39.96
N PRO B 141 38.50 13.44 -40.76
CA PRO B 141 39.12 13.81 -42.05
C PRO B 141 38.19 14.56 -43.02
N VAL B 142 38.78 15.39 -43.86
CA VAL B 142 38.04 16.10 -44.92
C VAL B 142 37.86 15.12 -46.09
N CYS B 143 36.73 15.20 -46.80
CA CYS B 143 36.39 14.24 -47.86
C CYS B 143 37.25 14.42 -49.12
N GLY B 144 37.83 13.31 -49.58
CA GLY B 144 38.80 13.33 -50.67
C GLY B 144 40.14 13.98 -50.33
N GLN B 145 40.45 14.11 -49.05
CA GLN B 145 41.64 14.85 -48.59
C GLN B 145 42.19 14.37 -47.24
N ASP B 146 43.47 14.67 -47.01
CA ASP B 146 44.16 14.40 -45.75
C ASP B 146 44.66 15.74 -45.20
N GLN B 147 43.75 16.48 -44.56
CA GLN B 147 44.05 17.77 -43.93
C GLN B 147 43.06 18.02 -42.79
N VAL B 148 43.54 17.91 -41.55
CA VAL B 148 42.66 17.95 -40.36
C VAL B 148 42.09 19.36 -40.10
N THR B 149 40.98 19.39 -39.35
CA THR B 149 40.29 20.65 -39.02
C THR B 149 40.93 21.37 -37.82
N VAL B 150 41.21 20.60 -36.76
CA VAL B 150 41.83 21.13 -35.54
C VAL B 150 42.94 20.18 -35.05
N ALA B 151 43.96 20.73 -34.40
CA ALA B 151 45.14 19.96 -33.96
C ALA B 151 44.84 19.00 -32.80
N MET B 152 45.78 18.07 -32.58
CA MET B 152 45.65 17.04 -31.55
C MET B 152 46.50 17.39 -30.33
N THR B 153 45.89 17.32 -29.14
CA THR B 153 46.54 17.66 -27.87
C THR B 153 46.30 16.55 -26.83
N PRO B 154 47.38 15.99 -26.23
CA PRO B 154 47.22 14.84 -25.33
C PRO B 154 46.74 15.17 -23.91
N ARG B 155 47.22 16.26 -23.31
CA ARG B 155 47.02 16.59 -21.88
C ARG B 155 47.54 15.45 -20.99
N SER B 156 48.84 15.50 -20.70
CA SER B 156 49.51 14.43 -19.95
C SER B 156 49.36 14.58 -18.44
N GLU B 157 49.82 13.56 -17.71
CA GLU B 157 49.93 13.61 -16.24
C GLU B 157 51.35 13.25 -15.83
N GLY B 158 51.88 13.99 -14.85
CA GLY B 158 53.26 13.81 -14.38
C GLY B 158 53.38 14.01 -12.88
N SER B 159 54.62 13.99 -12.41
CA SER B 159 54.92 14.10 -10.98
C SER B 159 56.40 14.35 -10.70
N SER B 160 57.25 13.41 -11.13
CA SER B 160 58.67 13.35 -10.71
C SER B 160 59.50 14.58 -11.13
N VAL B 161 59.37 15.00 -12.39
CA VAL B 161 60.07 16.20 -12.89
C VAL B 161 59.23 17.05 -13.89
N ASN B 162 57.90 16.90 -13.86
CA ASN B 162 56.99 17.67 -14.74
C ASN B 162 56.44 18.92 -14.05
N LEU B 163 56.00 18.77 -12.80
CA LEU B 163 55.26 19.81 -12.08
C LEU B 163 56.17 20.88 -11.46
N SER B 164 57.15 20.44 -10.68
CA SER B 164 57.94 21.33 -9.81
C SER B 164 59.26 20.68 -9.30
N PRO B 165 59.25 19.62 -8.49
CA PRO B 165 58.04 18.92 -7.97
C PRO B 165 57.71 19.28 -6.51
N PRO B 166 56.53 18.82 -6.02
CA PRO B 166 56.23 18.75 -4.59
C PRO B 166 56.10 17.31 -4.10
N LEU B 167 56.62 17.03 -2.90
CA LEU B 167 56.46 15.72 -2.25
C LEU B 167 56.57 15.92 -0.73
N GLU B 168 55.43 16.29 -0.15
CA GLU B 168 55.33 16.70 1.26
C GLU B 168 55.29 15.52 2.25
N GLN B 169 54.49 14.50 1.89
CA GLN B 169 54.13 13.32 2.74
C GLN B 169 52.81 13.56 3.49
N CYS B 170 52.25 12.48 4.05
CA CYS B 170 50.84 12.43 4.47
C CYS B 170 50.46 13.28 5.70
N VAL B 171 49.16 13.32 6.00
CA VAL B 171 48.59 14.04 7.14
C VAL B 171 47.78 13.06 8.01
N PRO B 172 48.38 12.55 9.11
CA PRO B 172 47.70 11.61 10.00
C PRO B 172 46.87 12.29 11.10
N ASP B 173 45.95 11.52 11.69
CA ASP B 173 45.11 11.94 12.83
C ASP B 173 44.17 13.11 12.50
N ARG B 174 43.74 13.18 11.24
CA ARG B 174 42.86 14.25 10.71
C ARG B 174 43.14 15.64 11.27
N GLY B 175 44.35 16.15 11.02
CA GLY B 175 44.68 17.56 11.26
C GLY B 175 45.24 17.94 12.63
N GLN B 176 44.90 17.19 13.68
CA GLN B 176 45.39 17.45 15.04
C GLN B 176 46.92 17.48 15.12
N GLN B 177 47.56 16.54 14.41
CA GLN B 177 49.02 16.40 14.42
C GLN B 177 49.65 16.95 13.12
N TYR B 178 49.54 18.26 12.95
CA TYR B 178 50.28 18.98 11.91
C TYR B 178 50.35 20.49 12.19
N GLN B 179 51.51 21.09 11.85
CA GLN B 179 51.71 22.55 11.82
C GLN B 179 52.44 22.94 10.53
N GLY B 180 52.15 24.14 10.03
CA GLY B 180 52.70 24.60 8.74
C GLY B 180 52.67 26.11 8.57
N ARG B 181 52.45 26.56 7.32
CA ARG B 181 52.52 27.98 6.95
C ARG B 181 51.62 28.33 5.75
N LEU B 182 50.39 27.81 5.76
CA LEU B 182 49.43 27.97 4.66
C LEU B 182 48.81 29.37 4.68
N ALA B 183 48.21 29.76 3.55
CA ALA B 183 47.51 31.05 3.43
C ALA B 183 46.48 31.04 2.29
N VAL B 184 45.65 29.99 2.25
CA VAL B 184 44.70 29.76 1.15
C VAL B 184 43.45 28.96 1.59
N THR B 185 42.45 28.98 0.72
CA THR B 185 41.24 28.14 0.83
C THR B 185 40.93 27.55 -0.57
N THR B 186 39.79 26.85 -0.70
CA THR B 186 39.35 26.28 -2.00
C THR B 186 39.08 27.34 -3.08
N HIS B 187 38.61 28.51 -2.65
CA HIS B 187 38.44 29.69 -3.52
C HIS B 187 39.68 30.60 -3.56
N GLY B 188 40.41 30.66 -2.44
CA GLY B 188 41.67 31.42 -2.35
C GLY B 188 41.62 32.66 -1.46
N LEU B 189 40.90 32.57 -0.34
CA LEU B 189 40.69 33.72 0.55
C LEU B 189 41.87 33.93 1.51
N PRO B 190 42.04 35.16 2.04
CA PRO B 190 43.05 35.42 3.07
C PRO B 190 42.53 35.08 4.47
N CYS B 191 43.19 34.12 5.15
CA CYS B 191 42.75 33.65 6.47
C CYS B 191 43.00 34.69 7.57
N LEU B 192 42.00 34.89 8.43
CA LEU B 192 42.07 35.88 9.51
C LEU B 192 42.86 35.36 10.72
N ALA B 193 43.32 36.29 11.55
CA ALA B 193 44.06 35.96 12.77
C ALA B 193 43.10 35.61 13.92
N TRP B 194 43.59 34.81 14.86
CA TRP B 194 42.78 34.36 16.01
C TRP B 194 42.64 35.47 17.05
N ALA B 195 43.78 35.97 17.53
CA ALA B 195 43.82 37.01 18.55
C ALA B 195 43.80 38.41 17.93
N SER B 196 42.61 38.95 17.75
CA SER B 196 42.42 40.34 17.28
C SER B 196 41.05 40.89 17.69
N ALA B 197 40.01 40.64 16.88
CA ALA B 197 38.64 41.06 17.22
C ALA B 197 37.50 40.31 16.49
N GLN B 198 37.74 39.08 16.04
CA GLN B 198 36.71 38.29 15.34
C GLN B 198 37.04 36.78 15.30
N ALA B 199 37.38 36.25 16.48
CA ALA B 199 37.81 34.84 16.63
C ALA B 199 38.09 34.51 18.10
N LYS B 200 38.87 35.36 18.76
CA LYS B 200 39.08 35.33 20.22
C LYS B 200 37.78 35.45 21.03
N ALA B 201 36.81 36.20 20.49
CA ALA B 201 35.51 36.41 21.14
C ALA B 201 34.61 35.18 21.16
N LEU B 202 34.25 34.68 19.97
CA LEU B 202 33.26 33.60 19.84
C LEU B 202 33.80 32.23 20.23
N SER B 203 33.92 32.02 21.54
CA SER B 203 34.41 30.77 22.14
C SER B 203 34.27 30.87 23.67
N LYS B 204 33.30 30.14 24.24
CA LYS B 204 33.09 30.12 25.69
C LYS B 204 32.70 28.74 26.24
N HIS B 205 31.62 28.15 25.71
CA HIS B 205 31.06 26.89 26.25
C HIS B 205 31.20 25.75 25.23
N GLN B 206 32.40 25.16 25.20
CA GLN B 206 32.71 24.00 24.35
C GLN B 206 33.95 23.23 24.86
N ASP B 207 34.16 22.03 24.30
CA ASP B 207 35.28 21.17 24.68
C ASP B 207 36.51 21.47 23.82
N PHE B 208 37.69 21.48 24.46
CA PHE B 208 38.98 21.66 23.77
C PHE B 208 40.04 20.70 24.32
N ASN B 209 41.07 20.48 23.50
CA ASN B 209 42.27 19.75 23.89
C ASN B 209 43.49 20.54 23.39
N SER B 210 43.93 21.49 24.20
CA SER B 210 45.03 22.40 23.82
C SER B 210 46.41 21.74 23.97
N ALA B 211 46.67 20.75 23.10
CA ALA B 211 47.99 20.13 22.97
C ALA B 211 48.88 20.99 22.06
N VAL B 212 48.24 21.70 21.13
CA VAL B 212 48.91 22.66 20.24
C VAL B 212 48.53 24.09 20.68
N GLN B 213 49.41 25.04 20.40
CA GLN B 213 49.18 26.46 20.73
C GLN B 213 48.18 27.13 19.78
N LEU B 214 47.68 28.29 20.19
CA LEU B 214 46.93 29.19 19.29
C LEU B 214 47.96 29.94 18.43
N VAL B 215 48.12 29.50 17.19
CA VAL B 215 49.20 29.99 16.32
C VAL B 215 48.67 30.98 15.25
N GLU B 216 48.69 32.27 15.62
CA GLU B 216 48.51 33.39 14.69
C GLU B 216 47.22 33.35 13.84
N ASN B 217 47.26 32.71 12.67
CA ASN B 217 46.15 32.79 11.68
C ASN B 217 45.92 31.55 10.80
N PHE B 218 46.59 30.44 11.08
CA PHE B 218 46.69 29.33 10.14
C PHE B 218 45.49 28.38 10.21
N CYS B 219 45.45 27.42 9.29
CA CYS B 219 44.41 26.38 9.28
C CYS B 219 44.70 25.36 10.40
N ARG B 220 43.80 25.30 11.39
CA ARG B 220 43.99 24.47 12.59
C ARG B 220 42.75 23.63 12.91
N ASN B 221 42.87 22.75 13.91
CA ASN B 221 41.75 21.91 14.36
C ASN B 221 41.89 21.53 15.85
N PRO B 222 41.59 22.49 16.76
CA PRO B 222 41.57 22.19 18.21
C PRO B 222 40.33 21.41 18.67
N ASP B 223 39.17 21.69 18.07
CA ASP B 223 37.92 20.99 18.42
C ASP B 223 37.90 19.48 18.06
N GLY B 224 38.80 19.04 17.18
CA GLY B 224 39.06 17.61 16.97
C GLY B 224 38.02 16.87 16.13
N ASP B 225 37.74 17.43 14.94
CA ASP B 225 36.83 16.82 13.96
C ASP B 225 37.62 16.00 12.95
N GLU B 226 37.00 14.90 12.48
CA GLU B 226 37.62 13.99 11.53
C GLU B 226 37.41 14.50 10.10
N GLU B 227 38.28 15.41 9.66
CA GLU B 227 38.28 15.89 8.28
C GLU B 227 39.63 16.52 7.90
N GLY B 228 39.93 17.69 8.47
CA GLY B 228 41.13 18.42 8.12
C GLY B 228 41.28 19.69 8.94
N VAL B 229 41.35 20.83 8.27
CA VAL B 229 41.55 22.13 8.92
C VAL B 229 40.79 23.25 8.20
N TRP B 230 40.57 24.36 8.91
CA TRP B 230 39.79 25.49 8.40
C TRP B 230 40.23 26.83 9.00
N CYS B 231 39.82 27.92 8.36
CA CYS B 231 40.10 29.29 8.84
C CYS B 231 38.89 30.20 8.66
N TYR B 232 38.80 31.24 9.50
CA TYR B 232 37.71 32.23 9.44
C TYR B 232 37.92 33.22 8.29
N VAL B 233 36.83 33.58 7.62
CA VAL B 233 36.83 34.56 6.52
C VAL B 233 35.61 35.48 6.61
N ALA B 234 35.78 36.74 6.18
CA ALA B 234 34.78 37.80 6.37
C ALA B 234 33.62 37.74 5.36
N GLY B 235 32.60 38.55 5.63
CA GLY B 235 31.42 38.65 4.76
C GLY B 235 30.20 39.16 5.53
N LYS B 236 29.04 39.11 4.88
CA LYS B 236 27.76 39.41 5.52
C LYS B 236 27.46 38.30 6.53
N PRO B 237 27.73 38.54 7.82
CA PRO B 237 28.06 37.50 8.80
C PRO B 237 28.40 36.13 8.19
N GLY B 238 29.59 36.07 7.59
CA GLY B 238 30.01 34.94 6.77
C GLY B 238 30.46 33.71 7.53
N ASP B 239 30.70 32.64 6.78
CA ASP B 239 31.08 31.33 7.32
C ASP B 239 32.61 31.14 7.26
N PHE B 240 33.08 30.03 7.84
CA PHE B 240 34.49 29.61 7.77
C PHE B 240 34.67 28.55 6.68
N GLY B 241 35.83 28.57 6.02
CA GLY B 241 36.14 27.64 4.92
C GLY B 241 37.26 26.68 5.28
N TYR B 242 37.14 25.42 4.81
CA TYR B 242 38.16 24.40 5.04
C TYR B 242 39.28 24.50 4.01
N CYS B 243 40.53 24.48 4.50
CA CYS B 243 41.71 24.57 3.64
C CYS B 243 41.97 23.21 2.99
N ASP B 244 42.03 23.18 1.65
CA ASP B 244 42.12 21.92 0.90
C ASP B 244 43.54 21.34 0.90
N LEU B 245 43.67 20.13 1.44
CA LEU B 245 44.92 19.36 1.41
C LEU B 245 44.66 17.92 1.01
N ASN B 246 45.72 17.19 0.68
CA ASN B 246 45.64 15.81 0.20
C ASN B 246 45.93 14.84 1.35
N TYR B 247 45.02 13.87 1.53
CA TYR B 247 45.09 12.88 2.62
C TYR B 247 45.20 11.47 2.08
N CYS B 248 45.68 10.55 2.92
CA CYS B 248 45.80 9.14 2.57
C CYS B 248 44.49 8.39 2.76
N GLU B 249 44.39 7.24 2.10
CA GLU B 249 43.22 6.37 2.22
C GLU B 249 43.23 5.63 3.56
N GLU B 250 42.56 6.22 4.55
CA GLU B 250 42.43 5.63 5.88
C GLU B 250 41.41 4.51 5.79
N ALA B 251 41.84 3.29 6.09
CA ALA B 251 41.00 2.09 5.86
C ALA B 251 39.82 2.00 6.83
N VAL B 252 38.83 2.86 6.59
CA VAL B 252 37.59 2.89 7.37
C VAL B 252 36.71 1.64 7.12
N GLU B 253 36.85 1.04 5.93
CA GLU B 253 36.17 -0.23 5.60
C GLU B 253 36.76 -1.42 6.37
N GLU B 254 38.07 -1.60 6.26
CA GLU B 254 38.79 -2.70 6.94
C GLU B 254 39.85 -2.13 7.87
N GLU B 255 39.46 -1.91 9.14
CA GLU B 255 40.34 -1.34 10.16
C GLU B 255 41.35 -2.37 10.70
N THR B 256 42.40 -1.87 11.35
CA THR B 256 43.48 -2.69 11.91
C THR B 256 43.96 -2.15 13.26
N GLY B 257 43.63 -2.88 14.34
CA GLY B 257 44.05 -2.51 15.70
C GLY B 257 44.25 -3.74 16.58
N ASP B 258 45.50 -4.03 16.93
CA ASP B 258 45.90 -5.16 17.80
C ASP B 258 45.40 -6.52 17.29
N ARG B 266 29.23 -16.54 12.11
CA ARG B 266 27.80 -16.30 12.24
C ARG B 266 27.47 -15.29 13.34
N ALA B 267 28.25 -15.31 14.42
CA ALA B 267 28.12 -14.36 15.55
C ALA B 267 26.82 -14.51 16.37
N ILE B 268 26.66 -13.63 17.36
CA ILE B 268 25.48 -13.62 18.24
C ILE B 268 24.83 -12.22 18.28
N GLU B 269 23.52 -12.20 18.46
CA GLU B 269 22.70 -11.00 18.33
C GLU B 269 22.50 -10.29 19.66
N GLY B 270 22.21 -8.99 19.59
CA GLY B 270 21.73 -8.21 20.74
C GLY B 270 20.24 -7.98 20.63
N ARG B 271 19.61 -7.60 21.74
CA ARG B 271 18.16 -7.34 21.77
C ARG B 271 17.73 -6.46 22.94
N THR B 272 17.99 -6.93 24.16
CA THR B 272 17.54 -6.24 25.39
C THR B 272 18.28 -4.91 25.63
N ALA B 273 17.84 -3.88 24.92
CA ALA B 273 18.39 -2.52 25.02
C ALA B 273 17.58 -1.55 24.15
N THR B 274 16.93 -0.56 24.77
CA THR B 274 16.19 0.47 24.02
C THR B 274 17.17 1.37 23.23
N SER B 275 18.27 1.76 23.87
CA SER B 275 19.33 2.52 23.20
C SER B 275 20.63 2.56 24.01
N GLU B 276 21.72 2.93 23.33
CA GLU B 276 23.00 3.32 23.97
C GLU B 276 23.61 4.49 23.18
N TYR B 277 22.91 5.62 23.21
CA TYR B 277 23.17 6.79 22.34
C TYR B 277 23.95 7.90 23.06
N GLN B 278 24.76 8.62 22.30
CA GLN B 278 25.60 9.71 22.82
C GLN B 278 24.78 11.01 22.90
N THR B 279 25.07 11.81 23.93
CA THR B 279 24.56 13.19 24.04
C THR B 279 25.70 14.17 23.78
N PHE B 280 26.02 14.37 22.49
CA PHE B 280 27.12 15.22 22.01
C PHE B 280 26.64 16.59 21.50
N PHE B 281 25.32 16.82 21.47
CA PHE B 281 24.73 18.09 21.00
C PHE B 281 23.65 18.57 21.97
N ASN B 282 23.37 19.87 21.94
CA ASN B 282 22.50 20.56 22.90
C ASN B 282 21.12 20.93 22.27
N PRO B 283 20.05 20.18 22.62
CA PRO B 283 18.72 20.46 22.02
C PRO B 283 18.06 21.78 22.45
N ARG B 284 18.50 22.87 21.83
CA ARG B 284 17.81 24.18 21.90
C ARG B 284 17.95 24.88 20.56
N THR B 285 19.20 25.16 20.15
CA THR B 285 19.52 25.64 18.80
C THR B 285 19.59 24.45 17.83
N PHE B 286 20.31 23.40 18.25
CA PHE B 286 20.38 22.15 17.48
C PHE B 286 19.02 21.46 17.38
N GLY B 287 18.23 21.55 18.45
CA GLY B 287 16.89 20.98 18.48
C GLY B 287 16.87 19.50 18.78
N SER B 288 15.67 18.92 18.73
CA SER B 288 15.46 17.50 18.97
C SER B 288 15.93 16.65 17.79
N GLY B 289 15.79 15.33 17.90
CA GLY B 289 16.25 14.39 16.86
C GLY B 289 17.59 13.72 17.14
N GLU B 290 18.07 13.84 18.39
CA GLU B 290 19.26 13.14 18.87
C GLU B 290 18.86 11.93 19.73
N ALA B 291 17.95 12.16 20.68
CA ALA B 291 17.38 11.10 21.51
C ALA B 291 16.16 10.46 20.83
N ASP B 292 15.14 11.27 20.54
CA ASP B 292 13.95 10.82 19.83
C ASP B 292 14.23 10.82 18.33
N CYS B 293 14.88 9.74 17.87
CA CYS B 293 15.18 9.54 16.45
C CYS B 293 15.23 8.05 16.09
N GLY B 294 15.11 7.76 14.78
CA GLY B 294 15.31 6.42 14.22
C GLY B 294 14.56 5.29 14.90
N LEU B 295 13.37 5.59 15.40
CA LEU B 295 12.53 4.64 16.14
C LEU B 295 11.10 4.87 15.72
N ARG B 296 10.66 4.13 14.70
CA ARG B 296 9.31 4.27 14.14
C ARG B 296 8.26 3.99 15.22
N PRO B 297 7.19 4.84 15.29
CA PRO B 297 6.07 4.49 16.18
C PRO B 297 5.15 3.34 15.70
N LEU B 298 5.52 2.66 14.61
CA LEU B 298 4.67 1.66 13.96
C LEU B 298 5.30 0.25 13.96
N PHE B 299 6.58 0.15 13.61
CA PHE B 299 7.33 -1.10 13.57
C PHE B 299 8.23 -1.28 14.80
N GLU B 300 9.08 -0.29 15.08
CA GLU B 300 10.01 -0.34 16.22
C GLU B 300 9.29 -0.26 17.57
N LYS B 301 8.62 0.87 17.82
CA LYS B 301 8.03 1.13 19.15
C LYS B 301 6.87 0.20 19.52
N LYS B 302 6.05 -0.16 18.54
CA LYS B 302 5.07 -1.25 18.71
C LYS B 302 5.74 -2.64 18.77
N SER B 303 6.96 -2.73 18.23
CA SER B 303 7.82 -3.92 18.31
C SER B 303 7.38 -4.97 17.28
N LEU B 304 7.76 -4.71 16.03
CA LEU B 304 7.41 -5.53 14.86
C LEU B 304 8.49 -5.40 13.77
N GLU B 305 8.72 -6.49 13.04
CA GLU B 305 9.75 -6.54 11.99
C GLU B 305 9.14 -6.65 10.58
N ASP B 306 9.53 -5.72 9.71
CA ASP B 306 9.02 -5.66 8.32
C ASP B 306 9.58 -6.80 7.43
N LYS B 307 9.10 -6.83 6.18
CA LYS B 307 9.44 -7.91 5.22
C LYS B 307 10.92 -8.05 4.90
N THR B 308 11.67 -6.94 4.93
CA THR B 308 13.07 -6.92 4.49
C THR B 308 14.13 -7.11 5.58
N GLU B 309 13.72 -7.17 6.85
CA GLU B 309 14.65 -7.42 7.97
C GLU B 309 15.13 -8.89 8.06
N ARG B 310 14.29 -9.82 7.61
CA ARG B 310 14.60 -11.27 7.60
C ARG B 310 15.46 -11.74 6.41
N GLU B 311 15.99 -10.80 5.61
CA GLU B 311 16.78 -11.10 4.41
C GLU B 311 17.91 -10.07 4.21
N LEU B 312 18.55 -9.67 5.32
CA LEU B 312 19.59 -8.63 5.33
C LEU B 312 21.02 -9.15 5.13
N LEU B 313 21.25 -10.44 5.38
CA LEU B 313 22.57 -11.04 5.19
C LEU B 313 22.85 -11.27 3.70
N GLU B 314 24.14 -11.33 3.37
CA GLU B 314 24.60 -11.77 2.04
C GLU B 314 24.48 -13.29 1.91
N SER B 315 24.79 -14.00 3.01
CA SER B 315 24.81 -15.46 3.06
C SER B 315 23.49 -16.16 2.72
N TYR B 316 22.36 -15.50 3.01
CA TYR B 316 21.03 -16.06 2.74
C TYR B 316 20.77 -16.15 1.23
N ILE B 317 20.49 -17.37 0.76
CA ILE B 317 20.31 -17.72 -0.68
C ILE B 317 21.30 -17.07 -1.68
N ASP B 318 22.58 -17.02 -1.28
CA ASP B 318 23.70 -16.51 -2.10
C ASP B 318 23.50 -15.08 -2.65
N GLY B 319 22.84 -14.95 -3.80
CA GLY B 319 22.66 -13.63 -4.42
C GLY B 319 22.17 -13.66 -5.86
N ARG B 320 21.15 -12.83 -6.15
CA ARG B 320 20.63 -12.62 -7.51
C ARG B 320 20.34 -11.12 -7.72
N ILE B 321 19.87 -10.76 -8.90
CA ILE B 321 19.42 -9.38 -9.20
C ILE B 321 17.99 -9.20 -8.67
N VAL B 322 17.87 -8.54 -7.52
CA VAL B 322 16.58 -8.34 -6.85
C VAL B 322 15.78 -7.22 -7.54
N GLU B 323 14.50 -7.49 -7.77
CA GLU B 323 13.65 -6.65 -8.60
C GLU B 323 13.15 -5.39 -7.87
N GLY B 324 12.74 -4.39 -8.64
CA GLY B 324 12.10 -3.18 -8.11
C GLY B 324 10.85 -3.52 -7.31
N SER B 325 10.54 -2.70 -6.32
CA SER B 325 9.51 -3.03 -5.33
C SER B 325 8.59 -1.84 -5.03
N ASP B 326 7.36 -2.17 -4.67
CA ASP B 326 6.39 -1.22 -4.12
C ASP B 326 6.42 -1.37 -2.60
N ALA B 327 6.85 -0.34 -1.88
CA ALA B 327 7.07 -0.40 -0.43
C ALA B 327 5.80 -0.65 0.41
N GLU B 328 5.98 -0.90 1.70
CA GLU B 328 4.86 -1.03 2.65
C GLU B 328 4.37 0.36 3.07
N ILE B 329 3.20 0.39 3.72
CA ILE B 329 2.64 1.62 4.28
C ILE B 329 3.50 2.10 5.45
N GLY B 330 3.65 3.43 5.55
CA GLY B 330 4.41 4.08 6.62
C GLY B 330 5.72 3.42 7.04
N MET B 331 6.54 3.00 6.08
CA MET B 331 7.81 2.36 6.41
C MET B 331 9.05 3.16 5.97
N SER B 332 8.92 4.50 5.88
CA SER B 332 10.07 5.35 5.55
C SER B 332 9.85 6.81 5.98
N PRO B 333 9.61 7.05 7.29
CA PRO B 333 9.21 8.38 7.77
C PRO B 333 10.30 9.49 7.82
N TRP B 334 11.52 9.17 7.38
CA TRP B 334 12.66 10.10 7.42
C TRP B 334 12.92 10.62 6.00
N GLN B 335 11.90 11.25 5.44
CA GLN B 335 11.86 11.62 4.01
C GLN B 335 11.51 13.11 3.84
N VAL B 336 12.11 13.75 2.84
CA VAL B 336 11.75 15.13 2.47
C VAL B 336 11.72 15.24 0.93
N MET B 337 10.75 16.00 0.42
CA MET B 337 10.54 16.17 -1.02
C MET B 337 10.53 17.66 -1.38
N LEU B 338 11.59 18.09 -2.09
CA LEU B 338 11.78 19.50 -2.48
C LEU B 338 11.12 19.80 -3.84
N PHE B 339 10.37 20.91 -3.88
CA PHE B 339 9.64 21.35 -5.09
C PHE B 339 10.03 22.78 -5.47
N ARG B 340 9.64 23.17 -6.69
CA ARG B 340 9.82 24.53 -7.19
C ARG B 340 8.52 25.30 -6.96
N LYS B 341 8.62 26.55 -6.52
CA LYS B 341 7.43 27.33 -6.13
C LYS B 341 6.49 27.59 -7.31
N SER B 342 6.93 28.44 -8.25
CA SER B 342 6.13 28.85 -9.40
C SER B 342 6.98 28.78 -10.69
N PRO B 343 6.72 27.85 -11.61
CA PRO B 343 5.63 26.86 -11.53
C PRO B 343 5.91 25.71 -10.56
N GLN B 344 4.91 24.84 -10.37
CA GLN B 344 5.05 23.66 -9.51
C GLN B 344 5.80 22.53 -10.23
N GLU B 345 7.05 22.29 -9.81
CA GLU B 345 7.91 21.24 -10.38
C GLU B 345 8.77 20.57 -9.30
N LEU B 346 8.84 19.24 -9.35
CA LEU B 346 9.68 18.45 -8.44
C LEU B 346 11.16 18.62 -8.82
N LEU B 347 11.96 19.18 -7.90
CA LEU B 347 13.37 19.49 -8.17
C LEU B 347 14.29 18.36 -7.75
N CYS B 348 14.40 18.11 -6.45
CA CYS B 348 15.37 17.12 -5.92
C CYS B 348 14.87 16.51 -4.61
N GLY B 349 15.69 15.64 -4.02
CA GLY B 349 15.35 14.93 -2.77
C GLY B 349 16.20 15.35 -1.59
N ALA B 350 15.64 15.22 -0.39
CA ALA B 350 16.30 15.63 0.85
C ALA B 350 16.02 14.62 1.97
N SER B 351 16.98 14.46 2.87
CA SER B 351 16.83 13.56 4.03
C SER B 351 16.25 14.34 5.20
N LEU B 352 15.47 13.64 6.03
CA LEU B 352 14.91 14.22 7.26
C LEU B 352 15.71 13.71 8.47
N ILE B 353 16.48 14.62 9.08
CA ILE B 353 17.44 14.29 10.17
C ILE B 353 17.07 14.82 11.56
N SER B 354 16.17 15.82 11.62
CA SER B 354 15.73 16.39 12.90
C SER B 354 14.33 17.04 12.78
N ASP B 355 13.91 17.69 13.86
CA ASP B 355 12.69 18.51 13.87
C ASP B 355 12.92 19.96 13.37
N ARG B 356 14.18 20.39 13.30
CA ARG B 356 14.55 21.74 12.86
C ARG B 356 15.83 21.79 11.99
N TRP B 357 16.10 20.70 11.25
CA TRP B 357 17.25 20.63 10.31
C TRP B 357 16.92 19.76 9.09
N VAL B 358 17.63 20.03 7.99
CA VAL B 358 17.41 19.35 6.71
C VAL B 358 18.75 19.13 5.99
N LEU B 359 19.11 17.85 5.83
CA LEU B 359 20.32 17.43 5.09
C LEU B 359 19.90 16.98 3.68
N THR B 360 20.67 17.36 2.66
CA THR B 360 20.30 17.11 1.27
C THR B 360 21.50 17.16 0.30
N ALA B 361 21.24 16.88 -0.98
CA ALA B 361 22.28 16.91 -2.02
C ALA B 361 22.72 18.33 -2.37
N ALA B 362 23.96 18.45 -2.84
CA ALA B 362 24.58 19.75 -3.15
C ALA B 362 24.52 20.13 -4.64
N HIS B 363 24.62 19.16 -5.55
CA HIS B 363 24.65 19.44 -6.99
C HIS B 363 23.33 20.03 -7.50
N CYS B 364 22.21 19.55 -6.95
CA CYS B 364 20.89 20.14 -7.21
C CYS B 364 20.60 21.19 -6.13
N LEU B 365 21.33 22.30 -6.22
CA LEU B 365 21.22 23.43 -5.31
C LEU B 365 21.94 24.63 -5.93
N LEU B 366 23.25 24.48 -6.15
CA LEU B 366 24.06 25.45 -6.90
C LEU B 366 24.64 24.74 -8.13
N TYR B 367 24.31 25.21 -9.32
CA TYR B 367 24.81 24.64 -10.58
C TYR B 367 24.66 25.64 -11.75
N PRO B 368 25.65 26.54 -11.93
CA PRO B 368 25.52 27.61 -12.94
C PRO B 368 25.50 27.22 -14.43
N PRO B 369 25.94 25.99 -14.80
CA PRO B 369 25.72 25.57 -16.20
C PRO B 369 24.25 25.43 -16.67
N TRP B 370 23.31 25.20 -15.74
CA TRP B 370 21.87 25.16 -16.05
C TRP B 370 21.16 26.52 -15.81
N ASP B 371 21.92 27.53 -15.37
CA ASP B 371 21.38 28.82 -14.88
C ASP B 371 20.51 28.61 -13.63
N LYS B 372 21.11 28.80 -12.46
CA LYS B 372 20.45 28.48 -11.18
C LYS B 372 21.07 29.21 -9.98
N ASN B 373 20.58 30.42 -9.71
CA ASN B 373 20.81 31.11 -8.42
C ASN B 373 19.45 31.31 -7.74
N PHE B 374 18.74 30.20 -7.53
CA PHE B 374 17.47 30.18 -6.80
C PHE B 374 17.79 29.75 -5.37
N THR B 375 17.55 30.65 -4.41
CA THR B 375 18.11 30.54 -3.05
C THR B 375 17.00 30.58 -1.97
N GLU B 376 16.96 31.61 -1.09
CA GLU B 376 16.02 31.63 0.04
C GLU B 376 14.55 31.76 -0.38
N ASN B 377 14.28 32.72 -1.27
CA ASN B 377 12.89 33.02 -1.69
C ASN B 377 12.27 32.03 -2.68
N ASP B 378 13.08 31.17 -3.30
CA ASP B 378 12.62 30.23 -4.36
C ASP B 378 12.91 28.75 -4.04
N LEU B 379 12.54 28.31 -2.83
CA LEU B 379 12.61 26.89 -2.44
C LEU B 379 11.50 26.52 -1.44
N LEU B 380 11.15 25.23 -1.41
CA LEU B 380 10.14 24.70 -0.49
C LEU B 380 10.30 23.19 -0.30
N VAL B 381 9.90 22.68 0.86
CA VAL B 381 10.04 21.24 1.17
C VAL B 381 8.72 20.63 1.68
N ARG B 382 8.44 19.41 1.23
CA ARG B 382 7.21 18.69 1.57
C ARG B 382 7.56 17.37 2.25
N ILE B 383 7.60 17.39 3.58
CA ILE B 383 8.02 16.25 4.40
C ILE B 383 6.91 15.20 4.49
N GLY B 384 7.30 13.93 4.35
CA GLY B 384 6.40 12.81 4.61
C GLY B 384 5.27 12.64 3.62
N LYS B 385 5.62 12.31 2.37
CA LYS B 385 4.64 12.06 1.30
C LYS B 385 4.77 10.62 0.78
N HIS B 386 3.64 9.99 0.45
CA HIS B 386 3.63 8.67 -0.19
C HIS B 386 3.33 8.79 -1.68
N SER B 387 2.18 9.38 -2.00
CA SER B 387 1.80 9.58 -3.41
C SER B 387 2.56 10.75 -4.02
N ARG B 388 2.92 10.60 -5.29
CA ARG B 388 3.59 11.66 -6.06
C ARG B 388 2.55 12.62 -6.63
N THR B 389 1.52 12.07 -7.26
CA THR B 389 0.50 12.84 -7.98
C THR B 389 -0.44 13.62 -7.08
N ARG B 390 -0.95 12.95 -6.04
CA ARG B 390 -2.01 13.50 -5.19
C ARG B 390 -1.50 14.55 -4.19
N TYR B 391 -2.43 15.10 -3.41
CA TYR B 391 -2.12 15.90 -2.22
C TYR B 391 -2.81 15.27 -1.00
N GLU B 392 -2.09 15.23 0.11
CA GLU B 392 -2.54 14.58 1.35
C GLU B 392 -2.54 15.64 2.45
N ARG B 393 -3.71 16.18 2.77
CA ARG B 393 -3.81 17.42 3.57
C ARG B 393 -3.31 17.30 5.02
N ASN B 394 -3.26 16.07 5.54
CA ASN B 394 -2.98 15.84 6.97
C ASN B 394 -1.71 15.02 7.25
N ILE B 395 -1.54 13.86 6.59
CA ILE B 395 -0.32 13.04 6.79
C ILE B 395 0.93 13.67 6.15
N GLU B 396 0.73 14.53 5.15
CA GLU B 396 1.79 15.42 4.65
C GLU B 396 1.47 16.83 5.15
N LYS B 397 2.49 17.68 5.18
CA LYS B 397 2.30 19.11 5.47
C LYS B 397 3.47 19.97 4.99
N ILE B 398 3.19 21.27 4.86
CA ILE B 398 4.08 22.22 4.19
C ILE B 398 5.19 22.65 5.15
N SER B 399 6.34 23.04 4.59
CA SER B 399 7.50 23.48 5.38
C SER B 399 8.31 24.57 4.67
N MET B 400 8.20 25.82 5.15
CA MET B 400 8.99 26.95 4.64
C MET B 400 10.47 26.86 5.05
N LEU B 401 11.30 27.75 4.50
CA LEU B 401 12.76 27.66 4.62
C LEU B 401 13.44 28.94 5.12
N GLU B 402 14.73 28.82 5.44
CA GLU B 402 15.60 29.89 5.92
C GLU B 402 16.93 29.88 5.12
N LYS B 403 17.99 30.51 5.65
CA LYS B 403 19.34 30.49 5.02
C LYS B 403 19.92 29.11 4.65
N ILE B 404 20.76 29.10 3.61
CA ILE B 404 21.46 27.92 3.13
C ILE B 404 22.94 28.02 3.52
N TYR B 405 23.48 26.96 4.13
CA TYR B 405 24.90 26.90 4.53
C TYR B 405 25.72 26.11 3.51
N ILE B 406 26.77 26.74 3.00
CA ILE B 406 27.66 26.11 1.98
C ILE B 406 28.74 25.30 2.70
N HIS B 407 29.26 24.28 2.02
CA HIS B 407 30.43 23.53 2.45
C HIS B 407 31.53 23.65 1.38
N PRO B 408 32.38 24.72 1.45
CA PRO B 408 33.37 25.05 0.39
C PRO B 408 34.33 23.98 -0.14
N ARG B 409 34.34 22.77 0.42
CA ARG B 409 34.97 21.61 -0.25
C ARG B 409 34.13 21.09 -1.43
N TYR B 410 32.84 21.43 -1.44
CA TYR B 410 31.93 21.16 -2.57
C TYR B 410 32.48 21.64 -3.92
N ASN B 411 32.92 20.69 -4.76
CA ASN B 411 33.50 20.97 -6.08
C ASN B 411 32.65 20.38 -7.21
N TRP B 412 31.70 21.18 -7.69
CA TRP B 412 30.87 20.82 -8.86
C TRP B 412 31.66 20.79 -10.18
N ARG B 413 32.68 21.65 -10.29
CA ARG B 413 33.44 21.82 -11.54
C ARG B 413 34.22 20.57 -11.93
N GLU B 414 35.03 20.04 -10.99
CA GLU B 414 35.90 18.90 -11.29
C GLU B 414 35.17 17.54 -11.21
N ASN B 415 34.80 17.09 -10.00
CA ASN B 415 34.19 15.75 -9.81
C ASN B 415 33.41 15.63 -8.49
N LEU B 416 32.27 16.32 -8.38
CA LEU B 416 31.34 16.18 -7.23
C LEU B 416 31.98 15.81 -5.86
N ASP B 417 33.07 16.51 -5.52
CA ASP B 417 33.78 16.26 -4.26
C ASP B 417 32.99 16.91 -3.12
N ARG B 418 32.67 16.12 -2.09
CA ARG B 418 31.81 16.54 -0.99
C ARG B 418 30.52 17.18 -1.52
N ASP B 419 29.69 16.38 -2.18
CA ASP B 419 28.39 16.85 -2.69
C ASP B 419 27.35 16.79 -1.55
N ILE B 420 27.56 17.62 -0.54
CA ILE B 420 26.82 17.55 0.72
C ILE B 420 26.43 18.97 1.15
N ALA B 421 25.16 19.31 0.94
CA ALA B 421 24.62 20.62 1.31
C ALA B 421 23.80 20.55 2.61
N LEU B 422 23.30 21.70 3.05
CA LEU B 422 22.47 21.78 4.23
C LEU B 422 21.44 22.89 4.07
N MET B 423 20.29 22.73 4.72
CA MET B 423 19.19 23.69 4.66
C MET B 423 18.69 24.01 6.07
N LYS B 424 17.74 24.96 6.16
CA LYS B 424 17.10 25.33 7.44
C LYS B 424 15.64 25.71 7.23
N LEU B 425 14.79 25.28 8.16
CA LEU B 425 13.35 25.60 8.16
C LEU B 425 13.04 26.76 9.12
N LYS B 426 11.82 27.28 9.04
CA LYS B 426 11.37 28.36 9.95
C LYS B 426 10.50 27.82 11.09
N LYS B 427 9.38 27.18 10.75
CA LYS B 427 8.46 26.62 11.75
C LYS B 427 9.00 25.30 12.32
N PRO B 428 8.52 24.89 13.52
CA PRO B 428 8.91 23.58 14.06
C PRO B 428 7.98 22.48 13.53
N VAL B 429 8.55 21.43 12.95
CA VAL B 429 7.76 20.28 12.48
C VAL B 429 7.41 19.35 13.64
N ALA B 430 6.26 18.69 13.56
CA ALA B 430 5.75 17.84 14.64
C ALA B 430 6.13 16.35 14.48
N PHE B 431 6.44 15.71 15.61
CA PHE B 431 6.71 14.27 15.66
C PHE B 431 5.38 13.53 15.51
N SER B 432 5.37 12.41 14.79
CA SER B 432 4.13 11.68 14.51
C SER B 432 4.31 10.22 14.09
N ASP B 433 3.22 9.46 14.19
CA ASP B 433 3.16 8.07 13.70
C ASP B 433 3.50 7.98 12.20
N TYR B 434 3.14 9.01 11.44
CA TYR B 434 3.47 9.11 10.00
C TYR B 434 4.87 9.74 9.74
N ILE B 435 5.28 10.72 10.56
CA ILE B 435 6.53 11.49 10.33
C ILE B 435 7.50 11.36 11.51
N HIS B 436 8.77 11.03 11.21
CA HIS B 436 9.76 10.69 12.24
C HIS B 436 11.19 10.64 11.65
N PRO B 437 12.15 11.42 12.21
CA PRO B 437 13.51 11.47 11.65
C PRO B 437 14.39 10.24 11.98
N VAL B 438 15.63 10.24 11.46
CA VAL B 438 16.59 9.13 11.63
C VAL B 438 17.87 9.62 12.33
N CYS B 439 18.48 8.75 13.13
CA CYS B 439 19.67 9.11 13.90
C CYS B 439 20.93 9.12 13.04
N LEU B 440 21.95 9.84 13.51
CA LEU B 440 23.24 9.98 12.83
C LEU B 440 24.33 9.29 13.65
N PRO B 441 25.15 8.42 13.00
CA PRO B 441 26.34 7.83 13.63
C PRO B 441 27.60 8.65 13.36
N ASP B 442 28.73 8.16 13.86
CA ASP B 442 30.03 8.81 13.71
C ASP B 442 31.11 7.78 13.37
N ARG B 443 32.35 8.23 13.17
CA ARG B 443 33.49 7.35 12.86
C ARG B 443 33.64 6.17 13.85
N GLU B 444 33.38 6.45 15.11
CA GLU B 444 33.50 5.47 16.20
C GLU B 444 32.54 4.27 16.08
N THR B 445 31.32 4.52 15.59
CA THR B 445 30.28 3.49 15.40
C THR B 445 30.06 3.04 13.93
N ALA B 446 30.28 3.94 12.98
CA ALA B 446 29.98 3.68 11.56
C ALA B 446 30.90 2.64 10.89
N ALA B 447 32.17 2.64 11.27
CA ALA B 447 33.13 1.66 10.75
C ALA B 447 32.74 0.22 11.08
N SER B 448 32.19 0.01 12.28
CA SER B 448 31.79 -1.33 12.74
C SER B 448 30.55 -1.92 12.05
N LEU B 449 29.74 -1.07 11.42
CA LEU B 449 28.49 -1.51 10.76
C LEU B 449 28.69 -2.22 9.41
N LEU B 450 29.75 -1.86 8.69
CA LEU B 450 30.06 -2.48 7.38
C LEU B 450 30.93 -3.74 7.45
N GLN B 451 31.54 -4.01 8.61
CA GLN B 451 32.40 -5.20 8.78
C GLN B 451 31.60 -6.48 8.56
N ALA B 452 30.60 -6.71 9.41
CA ALA B 452 29.69 -7.85 9.26
C ALA B 452 28.75 -7.60 8.07
N GLY B 453 28.34 -8.68 7.40
CA GLY B 453 27.54 -8.60 6.19
C GLY B 453 26.12 -8.10 6.39
N TYR B 454 25.98 -6.78 6.48
CA TYR B 454 24.67 -6.11 6.57
C TYR B 454 24.46 -5.25 5.32
N LYS B 455 23.33 -5.45 4.65
CA LYS B 455 23.01 -4.71 3.42
C LYS B 455 22.55 -3.29 3.72
N GLY B 456 22.69 -2.41 2.72
CA GLY B 456 22.20 -1.03 2.77
C GLY B 456 20.82 -0.90 2.15
N ARG B 457 20.13 0.19 2.48
CA ARG B 457 18.77 0.45 2.01
C ARG B 457 18.62 1.83 1.39
N VAL B 458 17.75 1.93 0.38
CA VAL B 458 17.40 3.19 -0.26
C VAL B 458 15.87 3.23 -0.47
N THR B 459 15.30 4.43 -0.47
CA THR B 459 13.88 4.64 -0.80
C THR B 459 13.71 5.85 -1.70
N GLY B 460 12.60 5.88 -2.45
CA GLY B 460 12.28 7.03 -3.31
C GLY B 460 11.20 6.81 -4.35
N TRP B 461 11.30 7.55 -5.46
CA TRP B 461 10.39 7.40 -6.61
C TRP B 461 11.13 7.47 -7.95
N GLY B 462 12.41 7.12 -7.97
CA GLY B 462 13.24 7.25 -9.17
C GLY B 462 13.51 8.69 -9.57
N ASN B 463 13.83 9.53 -8.57
CA ASN B 463 14.22 10.92 -8.81
C ASN B 463 15.70 10.99 -9.23
N LEU B 464 16.48 9.96 -8.89
CA LEU B 464 17.82 9.78 -9.45
C LEU B 464 17.76 9.37 -10.94
N LYS B 465 16.80 8.51 -11.29
CA LYS B 465 16.65 8.00 -12.66
C LYS B 465 16.21 9.08 -13.67
N GLU B 466 15.10 9.74 -13.38
CA GLU B 466 14.48 10.68 -14.33
C GLU B 466 15.27 11.99 -14.53
N THR B 467 16.14 12.34 -13.58
CA THR B 467 16.95 13.57 -13.67
C THR B 467 17.99 13.53 -14.79
N TRP B 468 18.76 12.44 -14.86
CA TRP B 468 19.95 12.39 -15.70
C TRP B 468 19.70 11.87 -17.12
N THR B 469 18.97 10.76 -17.24
CA THR B 469 18.66 10.17 -18.55
C THR B 469 17.21 10.39 -18.94
N CYS B 470 16.95 10.54 -20.24
CA CYS B 470 15.58 10.53 -20.77
C CYS B 470 15.04 9.10 -20.58
N ASN B 471 15.70 8.14 -21.24
CA ASN B 471 15.47 6.70 -21.09
C ASN B 471 14.01 6.23 -21.19
N VAL B 472 13.58 5.95 -22.43
CA VAL B 472 12.24 5.41 -22.69
C VAL B 472 12.21 3.93 -22.29
N GLY B 473 11.07 3.47 -21.78
CA GLY B 473 10.89 2.09 -21.33
C GLY B 473 10.20 2.04 -19.97
N LYS B 474 10.75 2.80 -19.02
CA LYS B 474 10.25 2.84 -17.63
C LYS B 474 10.28 4.29 -17.10
N GLY B 475 9.17 4.73 -16.51
CA GLY B 475 8.98 6.14 -16.12
C GLY B 475 8.98 6.37 -14.62
N GLN B 476 8.02 7.16 -14.12
CA GLN B 476 7.89 7.46 -12.69
C GLN B 476 6.51 7.02 -12.15
N PRO B 477 6.44 5.84 -11.49
CA PRO B 477 5.19 5.38 -10.83
C PRO B 477 4.91 6.02 -9.46
N SER B 478 3.73 5.69 -8.92
CA SER B 478 3.18 6.40 -7.74
C SER B 478 3.81 6.00 -6.41
N VAL B 479 3.84 4.69 -6.16
CA VAL B 479 4.16 4.12 -4.85
C VAL B 479 5.66 4.29 -4.52
N LEU B 480 5.94 4.52 -3.24
CA LEU B 480 7.31 4.66 -2.75
C LEU B 480 8.12 3.39 -3.01
N GLN B 481 9.37 3.58 -3.44
CA GLN B 481 10.26 2.48 -3.82
C GLN B 481 11.03 1.91 -2.63
N VAL B 482 11.58 0.72 -2.81
CA VAL B 482 12.52 0.10 -1.88
C VAL B 482 13.31 -1.02 -2.59
N VAL B 483 14.59 -1.16 -2.25
CA VAL B 483 15.43 -2.23 -2.79
C VAL B 483 16.71 -2.39 -1.96
N ASN B 484 17.05 -3.63 -1.60
CA ASN B 484 18.27 -3.91 -0.82
C ASN B 484 19.53 -3.79 -1.69
N LEU B 485 20.66 -3.50 -1.06
CA LEU B 485 21.95 -3.36 -1.75
C LEU B 485 23.10 -3.93 -0.90
N PRO B 486 23.85 -4.91 -1.43
CA PRO B 486 25.04 -5.40 -0.71
C PRO B 486 26.20 -4.41 -0.64
N ILE B 487 27.28 -4.86 0.02
CA ILE B 487 28.52 -4.10 0.14
C ILE B 487 29.35 -4.31 -1.14
N VAL B 488 30.20 -3.34 -1.46
CA VAL B 488 31.19 -3.47 -2.54
C VAL B 488 32.56 -3.01 -2.02
N GLU B 489 33.59 -3.78 -2.35
CA GLU B 489 34.96 -3.52 -1.87
C GLU B 489 35.57 -2.33 -2.59
N ARG B 490 36.65 -1.81 -2.02
CA ARG B 490 37.35 -0.66 -2.58
C ARG B 490 38.16 -0.97 -3.86
N PRO B 491 39.13 -1.93 -3.79
CA PRO B 491 40.00 -2.13 -4.96
C PRO B 491 39.30 -2.75 -6.19
N VAL B 492 38.23 -3.52 -5.95
CA VAL B 492 37.42 -4.08 -7.04
C VAL B 492 36.77 -2.93 -7.81
N CYS B 493 36.19 -1.99 -7.06
CA CYS B 493 35.50 -0.81 -7.64
C CYS B 493 36.41 0.01 -8.56
N LYS B 494 37.66 0.21 -8.13
CA LYS B 494 38.63 1.01 -8.89
C LYS B 494 39.06 0.41 -10.22
N ASP B 495 39.35 -0.90 -10.22
CA ASP B 495 39.82 -1.60 -11.41
C ASP B 495 38.80 -1.71 -12.55
N SER B 496 37.51 -1.54 -12.23
CA SER B 496 36.46 -1.52 -13.24
C SER B 496 36.47 -0.21 -14.05
N THR B 497 36.10 0.89 -13.40
CA THR B 497 35.98 2.20 -14.07
C THR B 497 37.34 2.81 -14.44
N ARG B 498 37.42 3.38 -15.64
CA ARG B 498 38.63 4.08 -16.11
C ARG B 498 38.74 5.49 -15.50
N ILE B 499 37.59 6.10 -15.19
CA ILE B 499 37.56 7.39 -14.49
C ILE B 499 37.88 7.17 -13.02
N ARG B 500 38.79 7.99 -12.49
CA ARG B 500 39.34 7.81 -11.15
C ARG B 500 38.32 8.21 -10.07
N ILE B 501 38.36 7.51 -8.95
CA ILE B 501 37.40 7.68 -7.85
C ILE B 501 38.12 7.85 -6.52
N THR B 502 37.53 8.67 -5.63
CA THR B 502 38.12 8.98 -4.33
C THR B 502 37.45 8.18 -3.22
N ASP B 503 38.14 8.07 -2.09
CA ASP B 503 37.60 7.43 -0.88
C ASP B 503 36.48 8.25 -0.24
N ASN B 504 36.44 9.55 -0.54
CA ASN B 504 35.30 10.42 -0.24
C ASN B 504 33.96 9.78 -0.64
N MET B 505 33.92 9.18 -1.82
CA MET B 505 32.74 8.50 -2.34
C MET B 505 32.92 6.98 -2.20
N PHE B 506 31.81 6.24 -2.15
CA PHE B 506 31.86 4.77 -2.08
C PHE B 506 30.90 4.08 -3.07
N CYS B 507 31.09 2.77 -3.23
CA CYS B 507 30.41 1.95 -4.25
C CYS B 507 29.46 0.94 -3.59
N ALA B 508 28.36 0.61 -4.29
CA ALA B 508 27.40 -0.40 -3.81
C ALA B 508 26.40 -0.78 -4.90
N GLY B 509 26.26 -2.08 -5.18
CA GLY B 509 25.35 -2.56 -6.22
C GLY B 509 25.46 -4.05 -6.52
N TYR B 510 24.39 -4.61 -7.10
CA TYR B 510 24.34 -6.04 -7.43
C TYR B 510 25.30 -6.44 -8.55
N LYS B 511 25.47 -7.76 -8.72
CA LYS B 511 26.32 -8.35 -9.75
C LYS B 511 25.66 -8.21 -11.13
N PRO B 512 26.24 -7.37 -12.02
CA PRO B 512 25.49 -6.87 -13.19
C PRO B 512 25.26 -7.89 -14.32
N ASP B 513 24.40 -7.49 -15.26
CA ASP B 513 24.13 -8.23 -16.50
C ASP B 513 25.14 -7.81 -17.56
N GLU B 514 24.96 -8.32 -18.79
CA GLU B 514 25.67 -7.81 -19.97
C GLU B 514 24.77 -6.88 -20.78
N GLY B 515 23.58 -7.37 -21.14
CA GLY B 515 22.60 -6.61 -21.93
C GLY B 515 21.38 -6.21 -21.13
N LYS B 516 21.57 -5.38 -20.12
CA LYS B 516 20.48 -4.86 -19.30
C LYS B 516 20.91 -3.63 -18.50
N ARG B 517 19.94 -2.79 -18.14
CA ARG B 517 20.17 -1.61 -17.30
C ARG B 517 20.50 -1.99 -15.85
N GLY B 518 19.58 -2.74 -15.23
CA GLY B 518 19.70 -3.18 -13.83
C GLY B 518 18.64 -2.56 -12.94
N ASP B 519 18.90 -2.54 -11.64
CA ASP B 519 18.03 -1.86 -10.65
C ASP B 519 18.90 -1.15 -9.60
N ALA B 520 20.01 -0.56 -10.04
CA ALA B 520 20.92 0.20 -9.17
C ALA B 520 20.81 1.72 -9.40
N CYS B 521 19.68 2.15 -9.96
CA CYS B 521 19.44 3.56 -10.28
C CYS B 521 18.07 3.98 -9.73
N GLU B 522 17.82 3.64 -8.47
CA GLU B 522 16.55 3.93 -7.80
C GLU B 522 16.80 4.83 -6.57
N GLY B 523 15.71 5.20 -5.91
CA GLY B 523 15.74 6.17 -4.84
C GLY B 523 15.65 7.58 -5.39
N ASP B 524 15.84 8.56 -4.51
CA ASP B 524 15.78 9.98 -4.87
C ASP B 524 17.19 10.60 -4.84
N SER B 525 17.38 11.67 -5.61
CA SER B 525 18.66 12.37 -5.69
C SER B 525 18.89 13.21 -4.42
N GLY B 526 19.72 12.70 -3.52
CA GLY B 526 19.94 13.31 -2.21
C GLY B 526 18.95 12.86 -1.14
N GLY B 527 18.54 11.58 -1.22
CA GLY B 527 17.57 11.00 -0.29
C GLY B 527 18.22 10.27 0.88
N PRO B 528 17.40 9.56 1.68
CA PRO B 528 17.89 8.84 2.85
C PRO B 528 18.39 7.42 2.53
N PHE B 529 19.72 7.27 2.45
CA PHE B 529 20.35 5.96 2.35
C PHE B 529 20.48 5.44 3.78
N VAL B 530 19.75 4.37 4.11
CA VAL B 530 19.56 3.96 5.52
C VAL B 530 19.92 2.50 5.81
N MET B 531 19.99 2.18 7.10
CA MET B 531 20.29 0.83 7.59
C MET B 531 19.86 0.65 9.06
N LYS B 532 19.39 -0.54 9.40
CA LYS B 532 18.99 -0.88 10.78
C LYS B 532 20.20 -1.40 11.56
N SER B 533 20.34 -0.96 12.82
CA SER B 533 21.42 -1.41 13.70
C SER B 533 21.02 -2.69 14.44
N PRO B 534 21.96 -3.64 14.62
CA PRO B 534 21.65 -4.82 15.45
C PRO B 534 21.73 -4.56 16.96
N PHE B 535 22.28 -3.42 17.37
CA PHE B 535 22.52 -3.13 18.79
C PHE B 535 21.25 -2.70 19.53
N ASN B 536 20.58 -1.66 19.01
CA ASN B 536 19.59 -0.89 19.77
C ASN B 536 18.15 -0.95 19.25
N ASN B 537 17.91 -1.70 18.17
CA ASN B 537 16.61 -1.67 17.47
C ASN B 537 16.36 -0.27 16.86
N ARG B 538 17.45 0.36 16.39
CA ARG B 538 17.45 1.72 15.86
C ARG B 538 17.90 1.74 14.40
N TRP B 539 17.71 2.88 13.76
CA TRP B 539 18.10 3.10 12.37
C TRP B 539 19.13 4.24 12.32
N TYR B 540 20.33 3.93 11.82
CA TYR B 540 21.39 4.92 11.64
C TYR B 540 21.60 5.15 10.15
N GLN B 541 21.40 6.39 9.70
CA GLN B 541 21.63 6.75 8.30
C GLN B 541 23.12 6.68 7.95
N MET B 542 23.43 6.18 6.75
CA MET B 542 24.81 6.11 6.27
C MET B 542 24.91 6.34 4.75
N GLY B 543 24.55 7.55 4.33
CA GLY B 543 24.70 7.97 2.94
C GLY B 543 23.73 9.02 2.45
N ILE B 544 24.23 9.95 1.64
CA ILE B 544 23.41 10.86 0.85
C ILE B 544 23.60 10.47 -0.62
N VAL B 545 22.48 10.15 -1.30
CA VAL B 545 22.53 9.60 -2.66
C VAL B 545 22.95 10.70 -3.65
N SER B 546 24.10 10.50 -4.29
CA SER B 546 24.64 11.42 -5.31
C SER B 546 24.66 10.74 -6.68
N TRP B 547 25.30 11.39 -7.67
CA TRP B 547 25.43 10.84 -9.02
C TRP B 547 26.26 9.56 -9.00
N GLY B 548 25.89 8.62 -9.87
CA GLY B 548 26.60 7.36 -10.01
C GLY B 548 26.67 6.83 -11.44
N GLU B 549 27.70 6.03 -11.68
CA GLU B 549 27.92 5.41 -12.99
C GLU B 549 26.85 4.36 -13.30
N GLY B 550 26.28 3.73 -12.27
CA GLY B 550 25.18 2.77 -12.41
C GLY B 550 23.95 3.24 -13.17
N CYS B 551 23.66 4.53 -13.12
CA CYS B 551 22.51 5.10 -13.84
C CYS B 551 22.76 5.26 -15.33
N ASP B 552 23.82 5.98 -15.68
CA ASP B 552 24.14 6.27 -17.09
C ASP B 552 24.76 5.04 -17.74
N ARG B 553 25.91 4.61 -17.20
CA ARG B 553 26.66 3.50 -17.77
C ARG B 553 26.04 2.17 -17.30
N ASP B 554 25.50 1.39 -18.24
CA ASP B 554 24.84 0.13 -17.92
C ASP B 554 25.88 -0.91 -17.48
N GLY B 555 25.49 -1.74 -16.52
CA GLY B 555 26.42 -2.69 -15.90
C GLY B 555 27.42 -1.99 -15.02
N LYS B 556 26.92 -1.14 -14.13
CA LYS B 556 27.73 -0.47 -13.11
C LYS B 556 26.95 -0.34 -11.81
N TYR B 557 27.68 -0.12 -10.72
CA TYR B 557 27.11 -0.07 -9.37
C TYR B 557 26.55 1.31 -9.05
N GLY B 558 25.76 1.37 -7.97
CA GLY B 558 25.24 2.63 -7.44
C GLY B 558 26.29 3.36 -6.61
N PHE B 559 26.42 4.66 -6.84
CA PHE B 559 27.48 5.47 -6.23
C PHE B 559 26.85 6.44 -5.24
N TYR B 560 27.35 6.44 -4.00
CA TYR B 560 26.81 7.24 -2.90
C TYR B 560 27.95 7.84 -2.07
N THR B 561 27.71 9.00 -1.48
CA THR B 561 28.74 9.74 -0.73
C THR B 561 28.78 9.31 0.75
N HIS B 562 29.99 9.23 1.32
CA HIS B 562 30.15 8.93 2.75
C HIS B 562 29.62 10.06 3.63
N VAL B 563 29.33 9.73 4.89
CA VAL B 563 28.77 10.69 5.85
C VAL B 563 29.39 10.68 7.26
N PHE B 564 30.39 9.83 7.52
CA PHE B 564 30.96 9.69 8.88
C PHE B 564 31.80 10.91 9.30
N ARG B 565 32.41 11.59 8.33
CA ARG B 565 33.09 12.87 8.55
C ARG B 565 32.06 14.00 8.65
N LEU B 566 32.54 15.20 9.02
CA LEU B 566 31.71 16.42 9.12
C LEU B 566 30.71 16.38 10.29
N LYS B 567 31.20 15.99 11.46
CA LYS B 567 30.38 15.89 12.67
C LYS B 567 30.30 17.24 13.40
N LYS B 568 31.46 17.76 13.79
CA LYS B 568 31.54 19.06 14.51
C LYS B 568 31.35 20.31 13.62
N TRP B 569 31.25 20.14 12.30
CA TRP B 569 30.82 21.23 11.41
C TRP B 569 29.38 21.68 11.69
N ILE B 570 28.55 20.73 12.14
CA ILE B 570 27.17 21.02 12.52
C ILE B 570 27.13 21.75 13.86
N GLN B 571 28.02 21.37 14.78
CA GLN B 571 28.15 22.01 16.11
C GLN B 571 28.53 23.50 16.05
N LYS B 572 29.41 23.88 15.13
CA LYS B 572 29.81 25.28 14.98
C LYS B 572 28.73 26.14 14.30
N VAL B 573 27.96 25.53 13.39
CA VAL B 573 26.92 26.22 12.61
C VAL B 573 25.65 26.52 13.44
N ILE B 574 25.35 25.66 14.42
CA ILE B 574 24.24 25.93 15.38
C ILE B 574 24.50 27.13 16.32
N ASP B 575 25.79 27.48 16.51
CA ASP B 575 26.17 28.72 17.24
C ASP B 575 25.77 29.99 16.48
N GLN B 576 25.70 29.91 15.15
CA GLN B 576 25.30 31.04 14.30
C GLN B 576 23.79 31.35 14.36
N PHE B 577 22.96 30.31 14.52
CA PHE B 577 21.50 30.46 14.62
C PHE B 577 21.05 31.24 15.89
N GLY B 578 21.88 31.22 16.93
CA GLY B 578 21.62 32.01 18.13
C GLY B 578 21.78 33.51 17.91
N GLU B 579 22.95 33.91 17.40
CA GLU B 579 23.30 35.34 17.27
C GLU B 579 22.51 36.10 16.19
N TYR B 580 22.21 35.43 15.07
CA TYR B 580 21.52 36.06 13.94
C TYR B 580 20.05 36.43 14.23
N LEU B 581 19.40 35.69 15.12
CA LEU B 581 18.03 36.02 15.57
C LEU B 581 18.04 37.26 16.45
N GLU B 582 17.18 38.22 16.12
CA GLU B 582 17.08 39.52 16.82
C GLU B 582 18.35 40.36 16.67
#